data_1T0S
#
_entry.id   1T0S
#
_cell.length_a   183.242
_cell.length_b   183.242
_cell.length_c   67.671
_cell.angle_alpha   90.00
_cell.angle_beta   90.00
_cell.angle_gamma   120.00
#
_symmetry.space_group_name_H-M   'P 31 2 1'
#
loop_
_entity.id
_entity.type
_entity.pdbx_description
1 polymer 'toluene, o-xylene monooxygenase oxygenase subunit'
2 polymer 'toluene, o-xylene monooxygenase oxygenase subunit'
3 polymer touB
4 non-polymer 'FE (III) ION'
5 non-polymer 'HYDROXIDE ION'
6 non-polymer 'SULFANYLACETIC ACID'
7 non-polymer 4-BROMOPHENOL
8 water water
#
loop_
_entity_poly.entity_id
_entity_poly.type
_entity_poly.pdbx_seq_one_letter_code
_entity_poly.pdbx_strand_id
1 'polypeptide(L)'
;MSMLKREDWYDLTRTTNWTPKYVTENELFPEEMSGARGISMEAWEKYDEPYKITYPEYVSIQREKDSGAYSIKAALERDG
FVDRADPGWVSTMQLHFGAIALEEYAASTAEARMARFAKAPGNRNMATFGMMDENRHGQIQLYFPYANVKRSRKWDWAHK
AIHTNEWAAIAARSFFDDMMMTRDSVAVSIMLTFAFETGFTNMQFLGLAADAAEAGDHTFASLISSIQTDESRHAQQGGP
SLKILVENGKKDEAQQMVDVAIWRSWKLFSVLTGPIMDYYTPLESRNQSFKEFMLEWIVAQFERQLLDLGLDKPWYWDQF
MQDLDETHHGMHLGVWYWRPTVWWDPAAGVSPEEREWLEEKYPGWNDTWGQCWDVITDNLVNGKPELTVPETLPTICNMC
NLPIAHTPGNKWNVKDYQLEYEGRLYHFGSEADRWCFQIDPERYKNHTNLVDRFLKGEIQPADLAGALMYMSLEPGVMGD
DAHDYEWVKAYQKKTNAA
;
A
2 'polypeptide(L)'
;MSEQQPEALKPLKTWSHLAGNRRRPSEYEVVSTNLHYFTDNPERPWELDSNLPMQTWYKKYCFDSPLKHDDWNAFRDPDQ
LVYRTYNLLQDGQESYVQGLFDQLNDRGHDQMLTREWVETLARFYTPARYLFHALQMGSVYIHQIAPASTITNCATYETA
DHLRWLTHTAYRTRELANCYPDVGFGKRERDVWENDPAWQGFRELIEKALIAWDWGEAFTAINLVTKPAVEEALLQQLGS
LAQSEGDTLLGLLAQAQKRDAERHRRWSSALVKMALEKEGNREVLQKWVAKWEPLADKAIEAYCSALPDGENAIVEAKSA
SRYVRQMMGL
;
B
3 'polypeptide(L)'
;MATFPIMSNFERDFVIQLVPVDTEDTMDQVAEKCAYHSINRRVHPQPEKILRVRRHEDGTLFPRGMIVSDAGLRPTETLD
IIFMDN
;
C
#
# COMPACT_ATOMS: atom_id res chain seq x y z
N SER A 2 13.52 5.65 -39.16
CA SER A 2 12.81 6.68 -38.34
C SER A 2 11.80 6.02 -37.39
N MET A 3 11.28 6.82 -36.46
CA MET A 3 10.31 6.38 -35.45
C MET A 3 9.10 7.30 -35.37
N LEU A 4 7.98 6.76 -34.91
CA LEU A 4 6.74 7.51 -34.77
C LEU A 4 6.81 8.43 -33.57
N LYS A 5 5.94 9.44 -33.55
CA LYS A 5 5.87 10.37 -32.42
C LYS A 5 4.94 9.67 -31.44
N ARG A 6 5.22 9.78 -30.15
CA ARG A 6 4.38 9.10 -29.16
C ARG A 6 2.88 9.36 -29.28
N GLU A 7 2.51 10.57 -29.68
CA GLU A 7 1.11 10.94 -29.83
C GLU A 7 0.36 10.18 -30.93
N ASP A 8 1.06 9.69 -31.94
CA ASP A 8 0.40 8.97 -33.03
C ASP A 8 -0.03 7.54 -32.72
N TRP A 9 0.60 6.91 -31.73
CA TRP A 9 0.25 5.54 -31.43
C TRP A 9 -0.12 5.25 -29.98
N TYR A 10 -0.16 6.29 -29.15
CA TYR A 10 -0.49 6.11 -27.74
C TYR A 10 -1.87 5.55 -27.48
N ASP A 11 -2.89 6.08 -28.15
CA ASP A 11 -4.25 5.59 -27.95
C ASP A 11 -4.44 4.10 -28.18
N LEU A 12 -3.67 3.53 -29.09
CA LEU A 12 -3.80 2.10 -29.35
C LEU A 12 -3.33 1.25 -28.16
N THR A 13 -2.37 1.74 -27.37
CA THR A 13 -1.90 0.98 -26.20
C THR A 13 -3.02 0.81 -25.19
N ARG A 14 -4.01 1.69 -25.22
CA ARG A 14 -5.14 1.64 -24.29
C ARG A 14 -6.48 1.43 -24.97
N THR A 15 -6.47 0.81 -26.15
CA THR A 15 -7.70 0.51 -26.85
C THR A 15 -7.80 -1.00 -26.68
N THR A 16 -8.13 -1.41 -25.45
CA THR A 16 -8.20 -2.81 -25.08
C THR A 16 -9.51 -3.38 -24.56
N ASN A 17 -10.54 -2.54 -24.40
CA ASN A 17 -11.81 -3.05 -23.92
C ASN A 17 -12.47 -3.83 -25.05
N TRP A 18 -13.27 -4.82 -24.67
CA TRP A 18 -14.00 -5.62 -25.64
C TRP A 18 -15.29 -6.12 -24.97
N THR A 19 -16.21 -6.62 -25.77
CA THR A 19 -17.50 -7.08 -25.28
C THR A 19 -17.44 -8.58 -25.00
N PRO A 20 -17.33 -8.94 -23.70
CA PRO A 20 -17.27 -10.35 -23.27
C PRO A 20 -18.44 -11.14 -23.81
N LYS A 21 -18.19 -12.42 -24.09
CA LYS A 21 -19.23 -13.26 -24.66
C LYS A 21 -19.30 -14.65 -24.04
N TYR A 22 -18.17 -15.21 -23.65
CA TYR A 22 -18.15 -16.54 -23.08
C TYR A 22 -18.37 -16.53 -21.59
N VAL A 23 -18.38 -15.32 -21.03
CA VAL A 23 -18.62 -15.04 -19.63
C VAL A 23 -19.31 -13.68 -19.67
N THR A 24 -20.03 -13.29 -18.62
CA THR A 24 -20.73 -12.01 -18.61
C THR A 24 -19.85 -10.86 -18.12
N GLU A 25 -20.26 -9.63 -18.41
CA GLU A 25 -19.48 -8.48 -17.98
C GLU A 25 -19.30 -8.48 -16.46
N ASN A 26 -20.37 -8.79 -15.73
CA ASN A 26 -20.30 -8.80 -14.27
C ASN A 26 -19.41 -9.92 -13.74
N GLU A 27 -19.36 -11.04 -14.44
CA GLU A 27 -18.48 -12.12 -14.00
C GLU A 27 -17.04 -11.68 -14.20
N LEU A 28 -16.74 -11.15 -15.39
CA LEU A 28 -15.38 -10.70 -15.71
C LEU A 28 -14.98 -9.49 -14.88
N PHE A 29 -15.97 -8.64 -14.58
CA PHE A 29 -15.75 -7.44 -13.78
C PHE A 29 -16.74 -7.40 -12.61
N PRO A 30 -16.48 -8.18 -11.55
CA PRO A 30 -17.38 -8.21 -10.39
C PRO A 30 -17.39 -6.84 -9.70
N GLU A 31 -18.58 -6.35 -9.38
CA GLU A 31 -18.74 -5.05 -8.75
C GLU A 31 -17.91 -4.83 -7.49
N GLU A 32 -17.83 -5.85 -6.64
CA GLU A 32 -17.06 -5.69 -5.41
C GLU A 32 -15.60 -5.39 -5.68
N MET A 33 -15.10 -5.80 -6.85
CA MET A 33 -13.69 -5.53 -7.18
C MET A 33 -13.55 -4.36 -8.16
N SER A 34 -14.48 -4.27 -9.11
CA SER A 34 -14.45 -3.23 -10.15
C SER A 34 -15.03 -1.88 -9.74
N GLY A 35 -16.21 -1.89 -9.13
CA GLY A 35 -16.83 -0.65 -8.71
C GLY A 35 -17.25 0.29 -9.83
N ALA A 36 -17.74 -0.26 -10.93
CA ALA A 36 -18.20 0.54 -12.07
C ALA A 36 -19.38 1.41 -11.66
N ARG A 37 -20.06 0.98 -10.59
CA ARG A 37 -21.20 1.70 -10.02
C ARG A 37 -22.28 2.11 -11.00
N GLY A 38 -22.78 1.16 -11.78
CA GLY A 38 -23.82 1.50 -12.73
C GLY A 38 -23.28 2.20 -13.98
N ILE A 39 -22.15 2.89 -13.86
CA ILE A 39 -21.55 3.58 -15.00
C ILE A 39 -21.11 2.53 -16.01
N SER A 40 -21.52 2.70 -17.27
CA SER A 40 -21.22 1.74 -18.33
C SER A 40 -19.79 1.72 -18.86
N MET A 41 -19.43 0.61 -19.51
CA MET A 41 -18.09 0.44 -20.08
C MET A 41 -17.74 1.65 -20.97
N GLU A 42 -18.65 1.98 -21.89
CA GLU A 42 -18.42 3.11 -22.79
C GLU A 42 -18.15 4.41 -22.01
N ALA A 43 -18.94 4.67 -20.98
CA ALA A 43 -18.76 5.87 -20.18
C ALA A 43 -17.38 5.88 -19.49
N TRP A 44 -16.95 4.73 -18.98
CA TRP A 44 -15.65 4.65 -18.33
C TRP A 44 -14.49 4.88 -19.30
N GLU A 45 -14.72 4.55 -20.56
CA GLU A 45 -13.70 4.73 -21.59
C GLU A 45 -13.33 6.19 -21.82
N LYS A 46 -14.09 7.11 -21.23
CA LYS A 46 -13.76 8.53 -21.37
C LYS A 46 -12.52 8.84 -20.52
N TYR A 47 -12.24 7.95 -19.55
CA TYR A 47 -11.08 8.10 -18.68
C TYR A 47 -9.84 8.43 -19.50
N ASP A 48 -9.16 9.53 -19.18
CA ASP A 48 -7.96 9.89 -19.94
C ASP A 48 -6.88 10.54 -19.09
N GLU A 49 -5.95 9.73 -18.61
CA GLU A 49 -4.86 10.19 -17.77
C GLU A 49 -4.11 11.36 -18.39
N PRO A 50 -3.91 12.45 -17.63
CA PRO A 50 -3.20 13.64 -18.11
C PRO A 50 -1.70 13.43 -18.29
N TYR A 51 -1.14 12.48 -17.56
CA TYR A 51 0.29 12.22 -17.69
C TYR A 51 0.43 10.86 -18.36
N LYS A 52 0.94 10.86 -19.58
CA LYS A 52 1.07 9.62 -20.35
C LYS A 52 2.51 9.15 -20.47
N ILE A 53 2.69 7.82 -20.47
CA ILE A 53 4.02 7.23 -20.60
C ILE A 53 3.87 5.83 -21.20
N THR A 54 4.89 5.37 -21.94
CA THR A 54 4.85 4.04 -22.55
C THR A 54 5.99 3.18 -22.00
N TYR A 55 5.85 1.87 -22.16
CA TYR A 55 6.82 0.91 -21.64
C TYR A 55 8.30 1.23 -21.88
N PRO A 56 8.70 1.39 -23.15
CA PRO A 56 10.12 1.69 -23.39
C PRO A 56 10.59 2.93 -22.64
N GLU A 57 9.77 3.98 -22.60
CA GLU A 57 10.16 5.18 -21.88
C GLU A 57 10.30 4.86 -20.39
N TYR A 58 9.36 4.09 -19.84
CA TYR A 58 9.41 3.74 -18.42
C TYR A 58 10.73 3.08 -18.01
N VAL A 59 11.02 1.91 -18.59
CA VAL A 59 12.23 1.18 -18.23
C VAL A 59 13.51 1.96 -18.44
N SER A 60 13.48 2.92 -19.35
CA SER A 60 14.68 3.73 -19.61
C SER A 60 14.90 4.77 -18.50
N ILE A 61 13.86 5.53 -18.19
CA ILE A 61 13.94 6.55 -17.15
C ILE A 61 14.25 5.96 -15.77
N GLN A 62 13.49 4.94 -15.40
CA GLN A 62 13.66 4.30 -14.10
C GLN A 62 15.01 3.64 -13.97
N ARG A 63 15.53 3.09 -15.06
CA ARG A 63 16.85 2.49 -14.99
C ARG A 63 17.83 3.57 -14.54
N GLU A 64 17.68 4.77 -15.08
CA GLU A 64 18.57 5.87 -14.73
C GLU A 64 18.41 6.32 -13.28
N LYS A 65 17.17 6.45 -12.82
CA LYS A 65 16.92 6.87 -11.44
C LYS A 65 17.62 5.94 -10.44
N ASP A 66 17.52 4.62 -10.65
CA ASP A 66 18.17 3.67 -9.75
C ASP A 66 19.69 3.71 -9.86
N SER A 67 20.20 3.90 -11.07
CA SER A 67 21.64 3.99 -11.24
C SER A 67 22.17 5.08 -10.31
N GLY A 68 21.55 6.25 -10.36
CA GLY A 68 21.96 7.35 -9.52
C GLY A 68 21.79 7.08 -8.03
N ALA A 69 20.57 6.74 -7.62
CA ALA A 69 20.26 6.46 -6.23
C ALA A 69 21.20 5.43 -5.62
N TYR A 70 21.28 4.24 -6.23
CA TYR A 70 22.16 3.20 -5.73
C TYR A 70 23.63 3.60 -5.81
N SER A 71 23.94 4.50 -6.73
CA SER A 71 25.33 4.96 -6.86
C SER A 71 25.65 5.92 -5.73
N ILE A 72 24.70 6.77 -5.38
CA ILE A 72 24.89 7.74 -4.29
C ILE A 72 25.15 6.92 -3.02
N LYS A 73 24.21 6.04 -2.70
CA LYS A 73 24.29 5.20 -1.52
C LYS A 73 25.63 4.50 -1.35
N ALA A 74 26.14 3.90 -2.42
CA ALA A 74 27.39 3.18 -2.36
C ALA A 74 28.60 4.08 -2.19
N ALA A 75 28.52 5.28 -2.75
CA ALA A 75 29.62 6.22 -2.64
C ALA A 75 29.78 6.71 -1.20
N LEU A 76 28.65 6.94 -0.53
CA LEU A 76 28.64 7.43 0.84
C LEU A 76 28.52 6.30 1.86
N GLU A 77 28.49 5.07 1.38
CA GLU A 77 28.35 3.88 2.24
C GLU A 77 29.28 3.87 3.45
N ARG A 78 30.57 3.67 3.21
CA ARG A 78 31.56 3.63 4.27
C ARG A 78 31.91 5.03 4.78
N ASP A 79 30.88 5.81 5.08
CA ASP A 79 31.05 7.17 5.59
C ASP A 79 30.38 7.22 6.95
N GLY A 80 29.47 6.27 7.17
CA GLY A 80 28.75 6.18 8.43
C GLY A 80 28.22 7.47 8.98
N PHE A 81 27.37 8.15 8.21
CA PHE A 81 26.77 9.40 8.66
C PHE A 81 25.78 9.08 9.77
N VAL A 82 25.03 8.01 9.58
CA VAL A 82 24.04 7.57 10.55
C VAL A 82 24.62 7.56 11.96
N ASP A 83 25.91 7.24 12.07
CA ASP A 83 26.58 7.22 13.35
C ASP A 83 26.63 8.61 13.97
N ARG A 84 27.46 9.47 13.39
CA ARG A 84 27.62 10.84 13.88
C ARG A 84 26.48 11.79 13.51
N ALA A 85 25.26 11.25 13.41
CA ALA A 85 24.11 12.08 13.07
C ALA A 85 23.23 12.28 14.30
N ASP A 86 22.51 13.40 14.32
CA ASP A 86 21.63 13.72 15.43
C ASP A 86 20.63 12.59 15.70
N PRO A 87 20.50 12.19 16.98
CA PRO A 87 19.59 11.11 17.37
C PRO A 87 18.16 11.39 16.92
N GLY A 88 17.85 12.66 16.69
CA GLY A 88 16.52 13.02 16.24
C GLY A 88 16.30 12.54 14.82
N TRP A 89 17.33 12.69 13.99
CA TRP A 89 17.28 12.27 12.59
C TRP A 89 17.23 10.74 12.50
N VAL A 90 18.23 10.08 13.09
CA VAL A 90 18.32 8.63 13.08
C VAL A 90 16.99 8.03 13.49
N SER A 91 16.40 8.62 14.52
CA SER A 91 15.12 8.15 15.02
C SER A 91 14.05 8.40 13.95
N THR A 92 14.17 9.51 13.23
CA THR A 92 13.21 9.85 12.17
C THR A 92 13.19 8.77 11.09
N MET A 93 14.37 8.37 10.64
CA MET A 93 14.46 7.36 9.60
C MET A 93 13.86 6.03 10.04
N GLN A 94 14.24 5.55 11.21
CA GLN A 94 13.72 4.27 11.70
C GLN A 94 12.21 4.28 11.76
N LEU A 95 11.65 5.44 12.07
CA LEU A 95 10.21 5.57 12.11
C LEU A 95 9.62 5.49 10.69
N HIS A 96 10.23 6.23 9.76
CA HIS A 96 9.80 6.23 8.37
C HIS A 96 9.78 4.81 7.78
N PHE A 97 10.96 4.19 7.77
CA PHE A 97 11.10 2.84 7.22
C PHE A 97 10.17 1.79 7.83
N GLY A 98 10.11 1.73 9.15
CA GLY A 98 9.26 0.75 9.80
C GLY A 98 7.80 0.90 9.44
N ALA A 99 7.35 2.14 9.28
CA ALA A 99 5.96 2.37 8.96
C ALA A 99 5.62 2.31 7.47
N ILE A 100 6.60 2.58 6.62
CA ILE A 100 6.37 2.63 5.17
C ILE A 100 6.83 1.51 4.23
N ALA A 101 8.04 0.98 4.44
CA ALA A 101 8.58 -0.05 3.57
C ALA A 101 7.56 -1.06 3.04
N LEU A 102 7.03 -1.89 3.92
CA LEU A 102 6.06 -2.90 3.50
C LEU A 102 4.72 -2.38 3.03
N GLU A 103 4.37 -1.16 3.42
CA GLU A 103 3.10 -0.61 3.00
C GLU A 103 3.28 -0.15 1.55
N GLU A 104 4.47 0.36 1.24
CA GLU A 104 4.79 0.77 -0.12
C GLU A 104 4.58 -0.46 -0.99
N TYR A 105 5.16 -1.58 -0.56
CA TYR A 105 5.02 -2.84 -1.29
C TYR A 105 3.58 -3.26 -1.41
N ALA A 106 2.84 -3.20 -0.30
CA ALA A 106 1.44 -3.57 -0.31
C ALA A 106 0.69 -2.75 -1.35
N ALA A 107 1.10 -1.49 -1.52
CA ALA A 107 0.43 -0.63 -2.49
C ALA A 107 0.55 -1.20 -3.93
N SER A 108 1.60 -1.99 -4.17
CA SER A 108 1.77 -2.59 -5.49
C SER A 108 0.55 -3.46 -5.80
N THR A 109 -0.05 -4.04 -4.76
CA THR A 109 -1.24 -4.88 -4.91
C THR A 109 -2.47 -3.98 -5.04
N ALA A 110 -2.41 -2.80 -4.42
CA ALA A 110 -3.49 -1.84 -4.52
C ALA A 110 -3.59 -1.45 -6.00
N GLU A 111 -2.44 -1.17 -6.59
CA GLU A 111 -2.35 -0.80 -8.01
C GLU A 111 -2.83 -1.99 -8.85
N ALA A 112 -2.35 -3.17 -8.52
CA ALA A 112 -2.73 -4.39 -9.22
C ALA A 112 -4.24 -4.58 -9.21
N ARG A 113 -4.88 -4.07 -8.14
CA ARG A 113 -6.34 -4.17 -8.03
C ARG A 113 -6.96 -3.40 -9.20
N MET A 114 -6.45 -2.18 -9.44
CA MET A 114 -6.94 -1.36 -10.53
C MET A 114 -6.51 -1.95 -11.90
N ALA A 115 -5.27 -2.42 -12.00
CA ALA A 115 -4.79 -2.96 -13.27
C ALA A 115 -5.69 -4.05 -13.83
N ARG A 116 -6.30 -4.83 -12.94
CA ARG A 116 -7.18 -5.91 -13.36
C ARG A 116 -8.67 -5.57 -13.45
N PHE A 117 -9.19 -4.87 -12.45
CA PHE A 117 -10.63 -4.59 -12.40
C PHE A 117 -11.19 -3.23 -12.83
N ALA A 118 -10.34 -2.26 -13.16
CA ALA A 118 -10.85 -0.97 -13.61
C ALA A 118 -11.43 -1.15 -15.01
N LYS A 119 -12.63 -0.61 -15.23
CA LYS A 119 -13.24 -0.73 -16.55
C LYS A 119 -12.62 0.26 -17.52
N ALA A 120 -11.91 1.24 -16.98
CA ALA A 120 -11.23 2.25 -17.80
C ALA A 120 -9.87 1.68 -18.24
N PRO A 121 -9.69 1.45 -19.56
CA PRO A 121 -8.47 0.91 -20.17
C PRO A 121 -7.21 1.68 -19.81
N GLY A 122 -7.30 3.01 -19.85
CA GLY A 122 -6.15 3.84 -19.53
C GLY A 122 -5.73 3.74 -18.08
N ASN A 123 -6.71 3.53 -17.20
CA ASN A 123 -6.44 3.40 -15.78
C ASN A 123 -5.73 2.06 -15.60
N ARG A 124 -6.18 1.04 -16.32
CA ARG A 124 -5.55 -0.29 -16.21
C ARG A 124 -4.08 -0.27 -16.55
N ASN A 125 -3.70 0.42 -17.61
CA ASN A 125 -2.29 0.47 -17.97
C ASN A 125 -1.51 1.35 -17.01
N MET A 126 -2.02 2.54 -16.69
CA MET A 126 -1.28 3.40 -15.76
C MET A 126 -1.12 2.68 -14.41
N ALA A 127 -2.10 1.86 -14.05
CA ALA A 127 -2.03 1.11 -12.80
C ALA A 127 -0.94 0.04 -12.87
N THR A 128 -0.63 -0.43 -14.08
CA THR A 128 0.41 -1.44 -14.23
C THR A 128 1.75 -0.76 -13.95
N PHE A 129 1.92 0.48 -14.41
CA PHE A 129 3.15 1.21 -14.14
C PHE A 129 3.15 1.55 -12.64
N GLY A 130 1.99 1.95 -12.11
CA GLY A 130 1.90 2.24 -10.68
C GLY A 130 2.36 1.02 -9.90
N MET A 131 1.91 -0.16 -10.34
CA MET A 131 2.29 -1.41 -9.71
C MET A 131 3.81 -1.53 -9.64
N MET A 132 4.49 -1.25 -10.76
CA MET A 132 5.96 -1.32 -10.78
C MET A 132 6.61 -0.24 -9.90
N ASP A 133 6.01 0.96 -9.85
CA ASP A 133 6.56 2.03 -9.02
C ASP A 133 6.62 1.60 -7.56
N GLU A 134 5.50 1.10 -7.06
CA GLU A 134 5.43 0.69 -5.66
C GLU A 134 6.32 -0.51 -5.39
N ASN A 135 6.46 -1.40 -6.37
CA ASN A 135 7.33 -2.56 -6.21
C ASN A 135 8.72 -1.97 -5.95
N ARG A 136 9.07 -0.92 -6.69
CA ARG A 136 10.36 -0.25 -6.53
C ARG A 136 10.54 0.36 -5.15
N HIS A 137 9.61 1.21 -4.76
CA HIS A 137 9.67 1.89 -3.47
C HIS A 137 9.82 0.91 -2.32
N GLY A 138 9.05 -0.16 -2.35
CA GLY A 138 9.15 -1.15 -1.30
C GLY A 138 10.54 -1.76 -1.26
N GLN A 139 11.07 -2.13 -2.42
CA GLN A 139 12.38 -2.76 -2.44
C GLN A 139 13.51 -1.84 -2.08
N ILE A 140 13.52 -0.65 -2.67
CA ILE A 140 14.59 0.30 -2.41
C ILE A 140 14.59 0.78 -0.95
N GLN A 141 13.42 0.82 -0.33
CA GLN A 141 13.31 1.24 1.06
C GLN A 141 13.48 0.11 2.06
N LEU A 142 13.96 -1.03 1.54
CA LEU A 142 14.26 -2.17 2.37
C LEU A 142 15.76 -2.33 2.20
N TYR A 143 16.21 -2.07 0.97
CA TYR A 143 17.61 -2.18 0.63
C TYR A 143 18.44 -1.14 1.36
N PHE A 144 17.92 0.08 1.45
CA PHE A 144 18.63 1.16 2.11
C PHE A 144 18.78 1.00 3.64
N PRO A 145 17.67 0.77 4.37
CA PRO A 145 17.85 0.60 5.81
C PRO A 145 18.67 -0.64 6.14
N TYR A 146 18.60 -1.64 5.26
CA TYR A 146 19.33 -2.88 5.46
C TYR A 146 20.79 -2.63 5.81
N ALA A 147 21.36 -1.53 5.31
CA ALA A 147 22.75 -1.23 5.60
C ALA A 147 23.02 -0.96 7.08
N ASN A 148 21.96 -0.74 7.87
CA ASN A 148 22.12 -0.43 9.29
C ASN A 148 21.69 -1.52 10.26
N VAL A 149 21.49 -2.75 9.80
CA VAL A 149 21.04 -3.80 10.71
C VAL A 149 22.05 -4.11 11.82
N LYS A 150 23.33 -3.91 11.54
CA LYS A 150 24.38 -4.19 12.51
C LYS A 150 24.59 -3.10 13.54
N ARG A 151 24.00 -1.93 13.31
CA ARG A 151 24.11 -0.80 14.23
C ARG A 151 23.05 -0.82 15.31
N SER A 152 21.93 -1.50 15.04
CA SER A 152 20.84 -1.58 15.99
C SER A 152 19.70 -2.42 15.46
N ARG A 153 19.10 -3.21 16.34
CA ARG A 153 18.00 -4.09 15.98
C ARG A 153 16.78 -3.29 15.53
N LYS A 154 16.73 -2.02 15.92
CA LYS A 154 15.60 -1.16 15.56
C LYS A 154 15.46 -1.14 14.02
N TRP A 155 16.58 -1.20 13.33
CA TRP A 155 16.56 -1.18 11.86
C TRP A 155 15.89 -2.43 11.28
N ASP A 156 15.87 -3.51 12.06
CA ASP A 156 15.24 -4.72 11.58
C ASP A 156 13.75 -4.47 11.43
N TRP A 157 13.25 -3.43 12.09
CA TRP A 157 11.82 -3.14 12.01
C TRP A 157 11.36 -2.58 10.65
N ALA A 158 12.32 -2.15 9.83
CA ALA A 158 12.02 -1.66 8.50
C ALA A 158 11.26 -2.80 7.79
N HIS A 159 11.54 -4.02 8.22
CA HIS A 159 10.88 -5.18 7.63
C HIS A 159 9.84 -5.82 8.56
N LYS A 160 10.08 -5.80 9.86
CA LYS A 160 9.20 -6.45 10.84
C LYS A 160 7.97 -5.70 11.37
N ALA A 161 8.06 -4.39 11.50
CA ALA A 161 6.98 -3.57 12.04
C ALA A 161 5.56 -3.98 11.65
N ILE A 162 5.26 -3.95 10.36
CA ILE A 162 3.91 -4.28 9.91
C ILE A 162 3.52 -5.74 10.13
N HIS A 163 4.50 -6.53 10.57
CA HIS A 163 4.25 -7.92 10.89
C HIS A 163 3.93 -8.11 12.38
N THR A 164 3.94 -7.01 13.13
CA THR A 164 3.67 -7.09 14.57
C THR A 164 2.34 -6.45 14.96
N ASN A 165 2.09 -6.41 16.26
CA ASN A 165 0.87 -5.80 16.79
C ASN A 165 1.21 -4.62 17.67
N GLU A 166 2.34 -3.98 17.37
CA GLU A 166 2.76 -2.80 18.10
C GLU A 166 1.68 -1.77 17.67
N TRP A 167 1.20 -0.95 18.58
CA TRP A 167 0.10 -0.02 18.25
C TRP A 167 0.24 0.82 16.96
N ALA A 168 1.41 1.39 16.71
CA ALA A 168 1.62 2.19 15.50
C ALA A 168 1.42 1.35 14.24
N ALA A 169 1.83 0.08 14.33
CA ALA A 169 1.70 -0.87 13.24
C ALA A 169 0.24 -1.13 12.95
N ILE A 170 -0.54 -1.28 14.02
CA ILE A 170 -1.98 -1.52 13.91
C ILE A 170 -2.62 -0.27 13.30
N ALA A 171 -2.09 0.89 13.66
CA ALA A 171 -2.61 2.16 13.15
C ALA A 171 -2.31 2.26 11.66
N ALA A 172 -1.08 1.95 11.29
CA ALA A 172 -0.70 1.99 9.90
C ALA A 172 -1.63 1.07 9.08
N ARG A 173 -1.73 -0.19 9.49
CA ARG A 173 -2.55 -1.15 8.76
C ARG A 173 -4.02 -0.79 8.72
N SER A 174 -4.51 -0.18 9.80
CA SER A 174 -5.91 0.21 9.86
C SER A 174 -6.20 1.17 8.71
N PHE A 175 -5.31 2.12 8.52
CA PHE A 175 -5.46 3.10 7.45
C PHE A 175 -5.36 2.45 6.07
N PHE A 176 -4.15 1.99 5.73
CA PHE A 176 -3.90 1.36 4.43
C PHE A 176 -4.89 0.27 4.00
N ASP A 177 -5.16 -0.70 4.86
CA ASP A 177 -6.10 -1.75 4.47
C ASP A 177 -7.47 -1.16 4.12
N ASP A 178 -7.83 -0.09 4.82
CA ASP A 178 -9.12 0.54 4.61
C ASP A 178 -9.17 1.37 3.33
N MET A 179 -8.09 2.08 3.04
CA MET A 179 -7.99 2.94 1.86
C MET A 179 -7.69 2.20 0.54
N MET A 180 -6.63 1.39 0.53
CA MET A 180 -6.20 0.67 -0.69
C MET A 180 -6.33 -0.85 -0.80
N MET A 181 -6.28 -1.58 0.32
CA MET A 181 -6.36 -3.04 0.23
C MET A 181 -7.74 -3.69 0.22
N THR A 182 -8.73 -3.01 0.77
CA THR A 182 -10.05 -3.63 0.84
C THR A 182 -11.14 -2.89 0.08
N ARG A 183 -10.73 -1.98 -0.82
CA ARG A 183 -11.68 -1.20 -1.61
C ARG A 183 -11.69 -1.60 -3.09
N ASP A 184 -12.82 -1.40 -3.75
CA ASP A 184 -12.94 -1.72 -5.16
C ASP A 184 -12.07 -0.74 -5.95
N SER A 185 -11.76 -1.14 -7.18
CA SER A 185 -10.90 -0.39 -8.09
C SER A 185 -11.07 1.13 -8.15
N VAL A 186 -12.29 1.60 -8.40
CA VAL A 186 -12.54 3.03 -8.48
C VAL A 186 -12.31 3.67 -7.12
N ALA A 187 -12.79 3.02 -6.05
CA ALA A 187 -12.61 3.55 -4.71
C ALA A 187 -11.13 3.72 -4.39
N VAL A 188 -10.31 2.76 -4.84
CA VAL A 188 -8.87 2.84 -4.59
C VAL A 188 -8.26 4.07 -5.28
N SER A 189 -8.65 4.31 -6.53
CA SER A 189 -8.10 5.47 -7.25
C SER A 189 -8.49 6.77 -6.55
N ILE A 190 -9.67 6.81 -5.94
CA ILE A 190 -10.13 8.01 -5.24
C ILE A 190 -9.39 8.20 -3.91
N MET A 191 -9.53 7.21 -3.04
CA MET A 191 -8.95 7.25 -1.71
C MET A 191 -7.43 7.15 -1.59
N LEU A 192 -6.78 6.34 -2.43
CA LEU A 192 -5.33 6.24 -2.35
C LEU A 192 -4.56 7.18 -3.26
N THR A 193 -4.81 7.09 -4.57
CA THR A 193 -4.09 7.93 -5.52
C THR A 193 -4.42 9.42 -5.41
N PHE A 194 -5.69 9.76 -5.32
CA PHE A 194 -6.09 11.17 -5.19
C PHE A 194 -5.97 11.70 -3.76
N ALA A 195 -6.82 11.20 -2.86
CA ALA A 195 -6.83 11.65 -1.48
C ALA A 195 -5.50 11.54 -0.73
N PHE A 196 -4.85 10.38 -0.76
CA PHE A 196 -3.61 10.23 -0.01
C PHE A 196 -2.28 10.50 -0.72
N GLU A 197 -2.05 9.87 -1.88
CA GLU A 197 -0.79 10.09 -2.60
C GLU A 197 -0.65 11.51 -3.16
N THR A 198 -1.69 11.98 -3.83
CA THR A 198 -1.65 13.33 -4.40
C THR A 198 -1.79 14.36 -3.28
N GLY A 199 -2.74 14.11 -2.37
CA GLY A 199 -2.99 15.03 -1.27
C GLY A 199 -1.97 15.18 -0.14
N PHE A 200 -1.19 14.13 0.13
CA PHE A 200 -0.21 14.21 1.23
C PHE A 200 1.22 13.82 0.88
N THR A 201 1.42 12.53 0.63
CA THR A 201 2.73 12.00 0.34
C THR A 201 3.54 12.68 -0.76
N ASN A 202 2.88 13.18 -1.80
CA ASN A 202 3.65 13.81 -2.87
C ASN A 202 4.42 15.04 -2.39
N MET A 203 3.78 15.92 -1.61
CA MET A 203 4.47 17.11 -1.12
C MET A 203 5.29 16.75 0.13
N GLN A 204 4.78 15.83 0.92
CA GLN A 204 5.47 15.40 2.13
C GLN A 204 6.89 14.93 1.80
N PHE A 205 6.99 13.90 0.98
CA PHE A 205 8.28 13.35 0.58
C PHE A 205 9.23 14.45 0.12
N LEU A 206 8.66 15.49 -0.48
CA LEU A 206 9.46 16.60 -0.98
C LEU A 206 10.13 17.32 0.18
N GLY A 207 9.36 17.56 1.24
CA GLY A 207 9.90 18.24 2.41
C GLY A 207 10.86 17.34 3.16
N LEU A 208 10.53 16.06 3.24
CA LEU A 208 11.37 15.10 3.93
C LEU A 208 12.74 15.11 3.28
N ALA A 209 12.74 15.03 1.96
CA ALA A 209 13.98 15.03 1.19
C ALA A 209 14.77 16.31 1.46
N ALA A 210 14.07 17.43 1.51
CA ALA A 210 14.70 18.72 1.77
C ALA A 210 15.29 18.77 3.18
N ASP A 211 14.51 18.35 4.16
CA ASP A 211 14.95 18.32 5.55
C ASP A 211 16.10 17.34 5.73
N ALA A 212 16.01 16.19 5.09
CA ALA A 212 17.07 15.18 5.16
C ALA A 212 18.36 15.82 4.62
N ALA A 213 18.20 16.71 3.64
CA ALA A 213 19.33 17.38 3.02
C ALA A 213 19.98 18.33 4.03
N GLU A 214 19.15 19.04 4.77
CA GLU A 214 19.62 19.99 5.79
C GLU A 214 20.42 19.21 6.84
N ALA A 215 19.85 18.09 7.28
CA ALA A 215 20.48 17.23 8.28
C ALA A 215 21.86 16.77 7.84
N GLY A 216 22.08 16.71 6.53
CA GLY A 216 23.37 16.28 6.03
C GLY A 216 23.40 14.83 5.57
N ASP A 217 22.22 14.21 5.49
CA ASP A 217 22.11 12.82 5.06
C ASP A 217 21.78 12.81 3.57
N HIS A 218 22.82 12.91 2.76
CA HIS A 218 22.64 12.93 1.32
C HIS A 218 22.20 11.59 0.76
N THR A 219 22.45 10.51 1.51
CA THR A 219 22.02 9.20 1.06
C THR A 219 20.50 9.14 1.15
N PHE A 220 19.96 9.47 2.33
CA PHE A 220 18.53 9.44 2.52
C PHE A 220 17.85 10.53 1.69
N ALA A 221 18.54 11.65 1.49
CA ALA A 221 18.00 12.76 0.71
C ALA A 221 17.76 12.29 -0.72
N SER A 222 18.80 11.71 -1.31
CA SER A 222 18.72 11.20 -2.67
C SER A 222 17.63 10.14 -2.76
N LEU A 223 17.58 9.25 -1.78
CA LEU A 223 16.58 8.19 -1.75
C LEU A 223 15.17 8.74 -1.92
N ILE A 224 14.78 9.64 -1.03
CA ILE A 224 13.44 10.21 -1.07
C ILE A 224 13.21 11.11 -2.29
N SER A 225 14.24 11.82 -2.75
CA SER A 225 14.10 12.68 -3.92
C SER A 225 13.70 11.86 -5.14
N SER A 226 14.43 10.77 -5.37
CA SER A 226 14.18 9.88 -6.51
C SER A 226 12.79 9.24 -6.46
N ILE A 227 12.46 8.65 -5.32
CA ILE A 227 11.16 8.01 -5.15
C ILE A 227 10.02 8.99 -5.37
N GLN A 228 10.22 10.22 -4.92
CA GLN A 228 9.17 11.23 -5.04
C GLN A 228 8.85 11.57 -6.48
N THR A 229 9.85 11.50 -7.35
CA THR A 229 9.64 11.80 -8.77
C THR A 229 8.76 10.77 -9.48
N ASP A 230 8.51 9.63 -8.83
CA ASP A 230 7.68 8.57 -9.42
C ASP A 230 6.21 8.73 -9.01
N GLU A 231 5.97 9.44 -7.92
CA GLU A 231 4.62 9.58 -7.38
C GLU A 231 3.55 10.10 -8.32
N SER A 232 3.82 11.22 -8.98
CA SER A 232 2.82 11.79 -9.88
C SER A 232 2.30 10.79 -10.92
N ARG A 233 3.22 10.04 -11.52
CA ARG A 233 2.86 9.06 -12.55
C ARG A 233 1.66 8.19 -12.24
N HIS A 234 1.48 7.81 -10.98
CA HIS A 234 0.33 6.99 -10.64
C HIS A 234 -0.66 7.69 -9.73
N ALA A 235 -0.20 8.72 -9.02
CA ALA A 235 -1.06 9.48 -8.13
C ALA A 235 -2.21 10.12 -8.91
N GLN A 236 -1.97 10.37 -10.19
CA GLN A 236 -2.91 10.99 -11.12
C GLN A 236 -4.18 10.21 -11.40
N GLN A 237 -4.19 8.92 -11.11
CA GLN A 237 -5.33 8.10 -11.45
C GLN A 237 -6.69 8.41 -10.82
N GLY A 238 -6.70 9.14 -9.71
CA GLY A 238 -7.97 9.45 -9.07
C GLY A 238 -8.79 10.57 -9.69
N GLY A 239 -8.13 11.63 -10.16
CA GLY A 239 -8.85 12.74 -10.75
C GLY A 239 -9.85 12.30 -11.80
N PRO A 240 -9.40 11.61 -12.86
CA PRO A 240 -10.25 11.13 -13.94
C PRO A 240 -11.45 10.32 -13.47
N SER A 241 -11.24 9.46 -12.46
CA SER A 241 -12.34 8.65 -11.94
C SER A 241 -13.34 9.60 -11.29
N LEU A 242 -12.82 10.61 -10.60
CA LEU A 242 -13.68 11.57 -9.93
C LEU A 242 -14.54 12.32 -10.95
N LYS A 243 -13.94 12.76 -12.06
CA LYS A 243 -14.73 13.46 -13.06
C LYS A 243 -15.83 12.56 -13.58
N ILE A 244 -15.47 11.31 -13.90
CA ILE A 244 -16.47 10.38 -14.40
C ILE A 244 -17.63 10.22 -13.43
N LEU A 245 -17.33 10.11 -12.14
CA LEU A 245 -18.41 9.96 -11.15
C LEU A 245 -19.28 11.20 -11.07
N VAL A 246 -18.65 12.38 -11.02
CA VAL A 246 -19.41 13.62 -10.98
C VAL A 246 -20.17 13.76 -12.30
N GLU A 247 -19.44 13.57 -13.41
CA GLU A 247 -20.03 13.64 -14.76
C GLU A 247 -21.33 12.87 -14.80
N ASN A 248 -21.36 11.74 -14.09
CA ASN A 248 -22.56 10.92 -14.05
C ASN A 248 -23.26 11.21 -12.73
N GLY A 249 -24.26 10.41 -12.37
CA GLY A 249 -24.97 10.67 -11.13
C GLY A 249 -24.33 10.06 -9.90
N LYS A 250 -23.09 10.45 -9.59
CA LYS A 250 -22.40 9.89 -8.43
C LYS A 250 -21.56 10.91 -7.65
N LYS A 251 -21.94 12.19 -7.69
CA LYS A 251 -21.18 13.22 -6.98
C LYS A 251 -21.11 12.99 -5.47
N ASP A 252 -22.21 12.55 -4.87
CA ASP A 252 -22.23 12.32 -3.43
C ASP A 252 -21.32 11.15 -3.04
N GLU A 253 -21.53 10.00 -3.69
CA GLU A 253 -20.73 8.81 -3.41
C GLU A 253 -19.25 9.19 -3.47
N ALA A 254 -18.90 9.97 -4.47
CA ALA A 254 -17.53 10.42 -4.64
C ALA A 254 -17.16 11.32 -3.49
N GLN A 255 -18.06 12.24 -3.17
CA GLN A 255 -17.85 13.20 -2.10
C GLN A 255 -17.37 12.57 -0.79
N GLN A 256 -18.11 11.60 -0.26
CA GLN A 256 -17.66 11.04 1.00
C GLN A 256 -16.41 10.16 0.97
N MET A 257 -16.13 9.48 -0.16
CA MET A 257 -14.90 8.70 -0.22
C MET A 257 -13.78 9.69 0.03
N VAL A 258 -13.91 10.86 -0.57
CA VAL A 258 -12.91 11.91 -0.40
C VAL A 258 -12.92 12.40 1.05
N ASP A 259 -14.12 12.63 1.59
CA ASP A 259 -14.27 13.10 2.97
C ASP A 259 -13.54 12.09 3.88
N VAL A 260 -14.00 10.84 3.85
CA VAL A 260 -13.43 9.76 4.64
C VAL A 260 -11.92 9.63 4.46
N ALA A 261 -11.51 9.43 3.22
CA ALA A 261 -10.09 9.25 2.93
C ALA A 261 -9.20 10.37 3.43
N ILE A 262 -9.61 11.61 3.26
CA ILE A 262 -8.78 12.74 3.69
C ILE A 262 -8.62 12.80 5.21
N TRP A 263 -9.70 12.60 5.94
CA TRP A 263 -9.62 12.65 7.39
C TRP A 263 -8.65 11.58 7.87
N ARG A 264 -8.92 10.32 7.51
CA ARG A 264 -8.06 9.21 7.91
C ARG A 264 -6.59 9.48 7.56
N SER A 265 -6.34 10.07 6.39
CA SER A 265 -4.97 10.36 6.01
C SER A 265 -4.39 11.36 6.99
N TRP A 266 -5.21 12.32 7.37
CA TRP A 266 -4.82 13.36 8.33
C TRP A 266 -4.46 12.77 9.69
N LYS A 267 -5.35 11.95 10.24
CA LYS A 267 -5.10 11.33 11.53
C LYS A 267 -3.75 10.63 11.56
N LEU A 268 -3.54 9.67 10.66
CA LEU A 268 -2.27 8.95 10.63
C LEU A 268 -1.13 9.95 10.38
N PHE A 269 -1.42 10.98 9.60
CA PHE A 269 -0.41 11.99 9.28
C PHE A 269 0.05 12.79 10.50
N SER A 270 -0.89 13.16 11.37
CA SER A 270 -0.59 13.94 12.56
C SER A 270 0.35 13.26 13.57
N VAL A 271 0.36 11.93 13.59
CA VAL A 271 1.21 11.21 14.52
C VAL A 271 2.60 10.91 13.96
N LEU A 272 2.68 10.74 12.65
CA LEU A 272 3.95 10.39 12.01
C LEU A 272 4.74 11.54 11.38
N THR A 273 4.08 12.64 11.06
CA THR A 273 4.77 13.77 10.43
C THR A 273 4.83 14.97 11.36
N GLY A 274 3.72 15.23 12.05
CA GLY A 274 3.66 16.36 12.95
C GLY A 274 4.81 16.37 13.94
N PRO A 275 4.88 15.37 14.83
CA PRO A 275 5.95 15.28 15.83
C PRO A 275 7.33 15.46 15.20
N ILE A 276 7.49 14.93 13.99
CA ILE A 276 8.76 15.01 13.29
C ILE A 276 9.29 16.43 13.04
N MET A 277 8.57 17.23 12.27
CA MET A 277 9.07 18.57 11.99
C MET A 277 8.88 19.60 13.12
N ASP A 278 8.10 19.25 14.13
CA ASP A 278 7.87 20.16 15.26
C ASP A 278 8.66 19.84 16.51
N TYR A 279 9.25 18.65 16.60
CA TYR A 279 9.99 18.26 17.80
C TYR A 279 11.30 17.51 17.59
N TYR A 280 11.33 16.59 16.64
CA TYR A 280 12.55 15.82 16.39
C TYR A 280 13.56 16.62 15.57
N THR A 281 13.07 17.65 14.89
CA THR A 281 13.93 18.49 14.07
C THR A 281 14.62 19.55 14.90
N PRO A 282 15.97 19.65 14.81
CA PRO A 282 16.70 20.66 15.58
C PRO A 282 16.07 22.02 15.34
N LEU A 283 16.26 22.95 16.28
CA LEU A 283 15.67 24.28 16.16
C LEU A 283 16.27 25.12 15.03
N GLU A 284 17.58 25.11 14.91
CA GLU A 284 18.24 25.91 13.86
C GLU A 284 18.03 25.33 12.46
N SER A 285 17.18 24.32 12.37
CA SER A 285 16.90 23.69 11.08
C SER A 285 15.40 23.59 10.86
N ARG A 286 14.67 24.51 11.49
CA ARG A 286 13.22 24.53 11.37
C ARG A 286 12.75 25.66 10.45
N ASN A 287 12.42 25.31 9.21
CA ASN A 287 11.94 26.27 8.23
C ASN A 287 10.63 26.85 8.73
N GLN A 288 9.55 26.10 8.52
CA GLN A 288 8.22 26.50 8.95
C GLN A 288 7.67 25.44 9.90
N SER A 289 6.54 25.74 10.54
CA SER A 289 5.93 24.83 11.49
C SER A 289 5.00 23.84 10.81
N PHE A 290 4.72 22.73 11.47
CA PHE A 290 3.84 21.71 10.93
C PHE A 290 2.52 22.33 10.49
N LYS A 291 2.08 23.35 11.21
CA LYS A 291 0.83 24.04 10.89
C LYS A 291 1.03 24.88 9.64
N GLU A 292 2.14 25.59 9.58
CA GLU A 292 2.44 26.41 8.42
C GLU A 292 2.52 25.49 7.20
N PHE A 293 3.38 24.48 7.29
CA PHE A 293 3.58 23.50 6.21
C PHE A 293 2.26 22.94 5.67
N MET A 294 1.37 22.55 6.56
CA MET A 294 0.09 21.99 6.16
C MET A 294 -0.77 22.98 5.35
N LEU A 295 -0.94 24.19 5.88
CA LEU A 295 -1.73 25.20 5.21
C LEU A 295 -1.23 25.56 3.83
N GLU A 296 0.08 25.73 3.72
CA GLU A 296 0.72 26.12 2.47
C GLU A 296 0.97 25.03 1.44
N TRP A 297 1.02 23.76 1.86
CA TRP A 297 1.30 22.69 0.92
C TRP A 297 0.28 21.58 0.83
N ILE A 298 -0.68 21.56 1.74
CA ILE A 298 -1.69 20.51 1.75
C ILE A 298 -3.09 21.08 1.68
N VAL A 299 -3.39 21.96 2.63
CA VAL A 299 -4.70 22.59 2.73
C VAL A 299 -5.12 23.29 1.45
N ALA A 300 -4.25 24.17 0.94
CA ALA A 300 -4.54 24.93 -0.27
C ALA A 300 -4.88 24.03 -1.45
N GLN A 301 -3.95 23.14 -1.78
CA GLN A 301 -4.12 22.23 -2.91
C GLN A 301 -5.45 21.49 -2.86
N PHE A 302 -5.81 20.94 -1.69
CA PHE A 302 -7.07 20.22 -1.56
C PHE A 302 -8.25 21.11 -1.95
N GLU A 303 -8.18 22.38 -1.57
CA GLU A 303 -9.25 23.33 -1.88
C GLU A 303 -9.29 23.56 -3.38
N ARG A 304 -8.11 23.79 -3.97
CA ARG A 304 -8.03 23.99 -5.41
C ARG A 304 -8.58 22.77 -6.12
N GLN A 305 -7.96 21.62 -5.84
CA GLN A 305 -8.35 20.34 -6.42
C GLN A 305 -9.86 20.11 -6.36
N LEU A 306 -10.39 20.07 -5.14
CA LEU A 306 -11.82 19.84 -4.94
C LEU A 306 -12.67 20.78 -5.76
N LEU A 307 -12.17 21.99 -5.96
CA LEU A 307 -12.88 23.01 -6.73
C LEU A 307 -12.98 22.58 -8.20
N ASP A 308 -11.84 22.28 -8.81
CA ASP A 308 -11.79 21.88 -10.22
C ASP A 308 -12.65 20.67 -10.55
N LEU A 309 -12.87 19.80 -9.58
CA LEU A 309 -13.67 18.60 -9.80
C LEU A 309 -15.11 18.80 -9.37
N GLY A 310 -15.49 20.06 -9.17
CA GLY A 310 -16.84 20.37 -8.78
C GLY A 310 -17.29 19.70 -7.50
N LEU A 311 -16.35 19.47 -6.58
CA LEU A 311 -16.68 18.84 -5.32
C LEU A 311 -16.66 19.86 -4.18
N ASP A 312 -17.39 19.57 -3.11
CA ASP A 312 -17.47 20.45 -1.95
C ASP A 312 -16.41 20.12 -0.91
N LYS A 313 -16.02 21.14 -0.14
CA LYS A 313 -15.04 20.94 0.92
C LYS A 313 -15.70 20.06 1.98
N PRO A 314 -14.93 19.15 2.60
CA PRO A 314 -15.47 18.26 3.63
C PRO A 314 -16.24 19.01 4.72
N TRP A 315 -17.33 18.40 5.17
CA TRP A 315 -18.17 18.98 6.22
C TRP A 315 -17.36 19.31 7.47
N TYR A 316 -16.34 18.50 7.75
CA TYR A 316 -15.50 18.69 8.94
C TYR A 316 -14.36 19.68 8.73
N TRP A 317 -14.30 20.30 7.55
CA TRP A 317 -13.23 21.21 7.23
C TRP A 317 -12.94 22.32 8.24
N ASP A 318 -13.99 22.93 8.80
CA ASP A 318 -13.78 24.00 9.78
C ASP A 318 -13.07 23.47 11.02
N GLN A 319 -13.52 22.32 11.52
CA GLN A 319 -12.90 21.71 12.68
C GLN A 319 -11.47 21.30 12.33
N PHE A 320 -11.31 20.68 11.18
CA PHE A 320 -10.02 20.21 10.71
C PHE A 320 -9.00 21.34 10.70
N MET A 321 -9.43 22.51 10.27
CA MET A 321 -8.54 23.67 10.22
C MET A 321 -8.02 24.04 11.61
N GLN A 322 -8.90 23.95 12.61
CA GLN A 322 -8.51 24.28 13.97
C GLN A 322 -7.53 23.27 14.57
N ASP A 323 -7.85 21.99 14.44
CA ASP A 323 -7.01 20.93 14.99
C ASP A 323 -5.54 21.04 14.62
N LEU A 324 -5.22 21.83 13.59
CA LEU A 324 -3.83 22.01 13.19
C LEU A 324 -3.09 22.65 14.37
N ASP A 325 -3.87 23.11 15.35
CA ASP A 325 -3.33 23.77 16.54
C ASP A 325 -3.28 22.88 17.78
N GLU A 326 -3.23 21.56 17.61
CA GLU A 326 -3.18 20.70 18.79
C GLU A 326 -3.02 19.20 18.57
N THR A 327 -3.80 18.64 17.66
CA THR A 327 -3.73 17.20 17.38
C THR A 327 -2.33 16.62 17.35
N HIS A 328 -1.45 17.17 16.52
CA HIS A 328 -0.09 16.65 16.43
C HIS A 328 0.72 16.92 17.69
N HIS A 329 0.18 17.75 18.59
CA HIS A 329 0.87 18.06 19.83
C HIS A 329 0.55 16.95 20.82
N GLY A 330 -0.69 16.48 20.79
CA GLY A 330 -1.09 15.39 21.65
C GLY A 330 -0.33 14.16 21.20
N MET A 331 -0.56 13.76 19.96
CA MET A 331 0.10 12.61 19.36
C MET A 331 1.57 12.52 19.78
N HIS A 332 2.26 13.65 19.76
CA HIS A 332 3.67 13.67 20.14
C HIS A 332 3.84 13.31 21.61
N LEU A 333 3.25 14.12 22.48
CA LEU A 333 3.33 13.88 23.91
C LEU A 333 2.96 12.43 24.21
N GLY A 334 1.95 11.93 23.52
CA GLY A 334 1.52 10.55 23.73
C GLY A 334 2.61 9.56 23.40
N VAL A 335 3.28 9.76 22.26
CA VAL A 335 4.34 8.88 21.84
C VAL A 335 5.57 8.97 22.73
N TRP A 336 5.95 10.18 23.14
CA TRP A 336 7.11 10.33 24.01
C TRP A 336 6.83 9.74 25.37
N TYR A 337 5.63 9.99 25.88
CA TYR A 337 5.29 9.45 27.19
C TYR A 337 5.34 7.94 27.11
N TRP A 338 4.69 7.38 26.10
CA TRP A 338 4.65 5.93 25.88
C TRP A 338 5.85 5.50 25.02
N ARG A 339 6.93 6.26 25.11
CA ARG A 339 8.14 6.00 24.34
C ARG A 339 8.67 4.57 24.29
N PRO A 340 8.51 3.78 25.37
CA PRO A 340 9.03 2.41 25.29
C PRO A 340 8.17 1.46 24.45
N THR A 341 7.04 1.96 23.96
CA THR A 341 6.14 1.12 23.18
C THR A 341 6.27 1.29 21.66
N VAL A 342 7.26 2.06 21.21
CA VAL A 342 7.51 2.26 19.79
C VAL A 342 8.94 1.79 19.50
N TRP A 343 9.29 1.58 18.23
CA TRP A 343 10.62 1.08 17.88
C TRP A 343 11.71 2.13 17.62
N TRP A 344 11.39 3.39 17.86
CA TRP A 344 12.35 4.48 17.66
C TRP A 344 12.41 5.34 18.91
N ASP A 345 13.46 6.16 19.04
CA ASP A 345 13.60 7.04 20.22
C ASP A 345 12.94 8.39 20.03
N PRO A 346 11.78 8.61 20.68
CA PRO A 346 11.11 9.91 20.53
C PRO A 346 11.95 11.02 21.17
N ALA A 347 11.98 12.18 20.51
CA ALA A 347 12.72 13.32 21.02
C ALA A 347 11.74 14.21 21.76
N ALA A 348 12.17 14.75 22.90
CA ALA A 348 11.32 15.62 23.69
C ALA A 348 11.12 16.94 22.95
N GLY A 349 12.22 17.55 22.54
CA GLY A 349 12.15 18.83 21.85
C GLY A 349 11.42 19.88 22.66
N VAL A 350 11.68 19.92 23.96
CA VAL A 350 11.03 20.89 24.84
C VAL A 350 12.03 21.68 25.67
N SER A 351 13.18 21.99 25.07
CA SER A 351 14.21 22.77 25.76
C SER A 351 13.71 24.21 25.88
N PRO A 352 14.46 25.09 26.57
CA PRO A 352 14.03 26.48 26.72
C PRO A 352 13.71 27.11 25.37
N GLU A 353 14.71 27.19 24.51
CA GLU A 353 14.54 27.77 23.18
C GLU A 353 13.40 27.08 22.43
N GLU A 354 13.43 25.75 22.38
CA GLU A 354 12.40 25.01 21.69
C GLU A 354 11.01 25.37 22.19
N ARG A 355 10.84 25.36 23.51
CA ARG A 355 9.54 25.68 24.10
C ARG A 355 9.01 27.05 23.69
N GLU A 356 9.90 28.01 23.45
CA GLU A 356 9.47 29.34 23.05
C GLU A 356 9.14 29.28 21.56
N TRP A 357 9.95 28.53 20.81
CA TRP A 357 9.75 28.35 19.38
C TRP A 357 8.31 27.88 19.20
N LEU A 358 7.94 26.92 20.03
CA LEU A 358 6.61 26.35 20.01
C LEU A 358 5.55 27.38 20.35
N GLU A 359 5.97 28.41 21.11
CA GLU A 359 5.04 29.46 21.51
C GLU A 359 4.84 30.45 20.38
N GLU A 360 5.90 30.74 19.64
CA GLU A 360 5.81 31.66 18.51
C GLU A 360 4.93 31.08 17.42
N LYS A 361 5.10 29.79 17.15
CA LYS A 361 4.34 29.10 16.12
C LYS A 361 2.92 28.78 16.59
N TYR A 362 2.77 28.57 17.90
CA TYR A 362 1.48 28.23 18.46
C TYR A 362 1.13 29.11 19.66
N PRO A 363 0.04 29.89 19.54
CA PRO A 363 -0.43 30.80 20.59
C PRO A 363 -0.88 30.08 21.85
N GLY A 364 -0.28 30.44 22.98
CA GLY A 364 -0.64 29.82 24.24
C GLY A 364 -0.33 28.34 24.32
N TRP A 365 0.86 27.96 23.90
CA TRP A 365 1.26 26.56 23.93
C TRP A 365 1.59 26.18 25.37
N ASN A 366 2.42 26.99 26.01
CA ASN A 366 2.83 26.75 27.39
C ASN A 366 1.66 26.78 28.37
N ASP A 367 0.56 27.44 27.99
CA ASP A 367 -0.61 27.52 28.87
C ASP A 367 -1.44 26.26 28.79
N THR A 368 -1.14 25.42 27.81
CA THR A 368 -1.86 24.16 27.63
C THR A 368 -0.90 22.97 27.61
N TRP A 369 -0.16 22.84 26.51
CA TRP A 369 0.79 21.74 26.38
C TRP A 369 1.98 21.94 27.30
N GLY A 370 2.46 23.19 27.37
CA GLY A 370 3.59 23.49 28.23
C GLY A 370 3.39 23.03 29.65
N GLN A 371 2.13 22.90 30.05
CA GLN A 371 1.79 22.46 31.40
C GLN A 371 2.36 21.08 31.65
N CYS A 372 1.74 20.08 31.00
CA CYS A 372 2.17 18.69 31.13
C CYS A 372 3.68 18.57 31.09
N TRP A 373 4.30 19.26 30.15
CA TRP A 373 5.75 19.22 30.02
C TRP A 373 6.44 19.84 31.23
N ASP A 374 5.80 20.83 31.85
CA ASP A 374 6.36 21.48 33.04
C ASP A 374 6.60 20.41 34.10
N VAL A 375 5.55 19.66 34.39
CA VAL A 375 5.61 18.59 35.38
C VAL A 375 6.73 17.62 35.05
N ILE A 376 6.55 16.90 33.95
CA ILE A 376 7.50 15.91 33.50
C ILE A 376 8.96 16.37 33.63
N THR A 377 9.22 17.64 33.27
CA THR A 377 10.58 18.17 33.36
C THR A 377 11.06 18.24 34.81
N ASP A 378 10.14 18.56 35.71
CA ASP A 378 10.48 18.66 37.13
C ASP A 378 10.87 17.29 37.69
N ASN A 379 10.06 16.28 37.41
CA ASN A 379 10.35 14.93 37.88
C ASN A 379 11.74 14.48 37.46
N LEU A 380 12.14 14.86 36.25
CA LEU A 380 13.45 14.49 35.74
C LEU A 380 14.53 15.31 36.42
N VAL A 381 14.17 16.52 36.86
CA VAL A 381 15.11 17.38 37.54
C VAL A 381 15.20 16.89 38.98
N ASN A 382 14.06 16.47 39.52
CA ASN A 382 13.98 15.96 40.88
C ASN A 382 14.04 14.44 40.91
N GLY A 383 15.04 13.90 40.20
CA GLY A 383 15.27 12.46 40.13
C GLY A 383 14.12 11.47 40.28
N LYS A 384 13.01 11.71 39.59
CA LYS A 384 11.88 10.80 39.67
C LYS A 384 11.40 10.37 38.28
N PRO A 385 12.31 9.75 37.49
CA PRO A 385 12.05 9.27 36.12
C PRO A 385 10.90 8.26 35.97
N GLU A 386 10.55 7.59 37.05
CA GLU A 386 9.47 6.60 37.00
C GLU A 386 8.09 7.21 36.80
N LEU A 387 7.99 8.53 36.85
CA LEU A 387 6.70 9.20 36.66
C LEU A 387 6.55 9.80 35.27
N THR A 388 7.46 9.46 34.35
CA THR A 388 7.39 9.96 32.99
C THR A 388 7.02 8.84 32.01
N VAL A 389 6.72 7.66 32.55
CA VAL A 389 6.32 6.51 31.75
C VAL A 389 4.98 6.04 32.28
N PRO A 390 4.18 5.36 31.44
CA PRO A 390 2.85 4.86 31.83
C PRO A 390 2.79 3.53 32.58
N GLU A 391 1.61 3.25 33.12
CA GLU A 391 1.33 2.02 33.85
C GLU A 391 -0.05 1.55 33.45
N THR A 392 -0.57 2.16 32.39
CA THR A 392 -1.87 1.82 31.86
C THR A 392 -1.94 2.11 30.36
N LEU A 393 -2.99 1.60 29.72
CA LEU A 393 -3.20 1.81 28.30
C LEU A 393 -4.04 3.06 28.05
N PRO A 394 -3.66 3.88 27.05
CA PRO A 394 -4.45 5.07 26.79
C PRO A 394 -5.69 4.60 26.02
N THR A 395 -6.82 5.29 26.22
CA THR A 395 -8.04 4.91 25.50
C THR A 395 -7.74 5.07 24.02
N ILE A 396 -8.21 4.13 23.21
CA ILE A 396 -7.95 4.16 21.78
C ILE A 396 -9.15 4.45 20.91
N CYS A 397 -8.95 5.29 19.90
CA CYS A 397 -10.01 5.62 18.96
C CYS A 397 -10.23 4.35 18.13
N ASN A 398 -11.48 3.89 18.06
CA ASN A 398 -11.82 2.69 17.30
C ASN A 398 -11.65 2.81 15.79
N MET A 399 -11.53 4.05 15.29
CA MET A 399 -11.38 4.26 13.86
C MET A 399 -9.91 4.38 13.49
N CYS A 400 -9.24 5.43 13.96
CA CYS A 400 -7.83 5.63 13.64
C CYS A 400 -6.88 4.83 14.52
N ASN A 401 -7.43 4.10 15.48
CA ASN A 401 -6.63 3.29 16.39
C ASN A 401 -5.47 4.10 16.94
N LEU A 402 -5.74 5.36 17.24
CA LEU A 402 -4.74 6.27 17.82
C LEU A 402 -5.29 6.74 19.17
N PRO A 403 -4.41 7.12 20.11
CA PRO A 403 -4.84 7.58 21.43
C PRO A 403 -5.75 8.81 21.35
N ILE A 404 -6.80 8.80 22.16
CA ILE A 404 -7.75 9.92 22.19
C ILE A 404 -7.19 11.02 23.09
N ALA A 405 -6.61 12.03 22.47
CA ALA A 405 -6.01 13.14 23.21
C ALA A 405 -6.21 14.50 22.53
N HIS A 406 -6.52 15.52 23.33
CA HIS A 406 -6.74 16.86 22.81
C HIS A 406 -5.99 17.92 23.63
N THR A 407 -6.56 19.12 23.68
CA THR A 407 -5.96 20.25 24.40
C THR A 407 -5.88 20.03 25.91
N PRO A 408 -4.70 20.26 26.51
CA PRO A 408 -4.44 20.12 27.95
C PRO A 408 -4.28 21.48 28.64
N GLY A 409 -3.80 21.43 29.87
CA GLY A 409 -3.57 22.65 30.63
C GLY A 409 -4.78 23.49 30.99
N ASN A 410 -4.59 24.80 30.98
CA ASN A 410 -5.66 25.73 31.31
C ASN A 410 -6.84 25.55 30.36
N LYS A 411 -6.57 25.73 29.07
CA LYS A 411 -7.60 25.59 28.03
C LYS A 411 -7.97 24.14 27.80
N TRP A 412 -8.13 23.37 28.88
CA TRP A 412 -8.50 21.96 28.77
C TRP A 412 -9.72 21.77 27.87
N ASN A 413 -9.73 20.70 27.09
CA ASN A 413 -10.86 20.43 26.19
C ASN A 413 -10.94 18.99 25.69
N VAL A 414 -10.04 18.13 26.14
CA VAL A 414 -10.04 16.74 25.72
C VAL A 414 -11.46 16.17 25.75
N LYS A 415 -11.92 15.65 24.62
CA LYS A 415 -13.25 15.07 24.53
C LYS A 415 -13.20 13.65 23.98
N ASP A 416 -14.30 12.93 24.16
CA ASP A 416 -14.42 11.56 23.68
C ASP A 416 -15.78 11.38 23.04
N TYR A 417 -15.79 11.26 21.71
CA TYR A 417 -17.02 11.12 20.94
C TYR A 417 -17.50 9.67 20.89
N GLN A 418 -18.00 9.17 22.01
CA GLN A 418 -18.49 7.80 22.12
C GLN A 418 -19.66 7.48 21.20
N LEU A 419 -19.96 6.19 21.08
CA LEU A 419 -21.05 5.70 20.26
C LEU A 419 -21.35 4.25 20.65
N GLU A 420 -22.63 3.94 20.80
CA GLU A 420 -23.04 2.60 21.15
C GLU A 420 -23.79 1.99 19.97
N TYR A 421 -23.31 0.84 19.50
CA TYR A 421 -23.94 0.17 18.38
C TYR A 421 -24.04 -1.33 18.64
N GLU A 422 -25.27 -1.81 18.70
CA GLU A 422 -25.54 -3.22 18.95
C GLU A 422 -24.79 -3.81 20.13
N GLY A 423 -25.26 -3.46 21.33
CA GLY A 423 -24.67 -3.96 22.57
C GLY A 423 -23.18 -3.82 22.74
N ARG A 424 -22.61 -2.73 22.26
CA ARG A 424 -21.16 -2.49 22.40
C ARG A 424 -20.89 -1.00 22.39
N LEU A 425 -19.89 -0.59 23.17
CA LEU A 425 -19.53 0.81 23.28
C LEU A 425 -18.20 1.15 22.59
N TYR A 426 -18.27 2.05 21.63
CA TYR A 426 -17.10 2.47 20.86
C TYR A 426 -16.59 3.83 21.31
N HIS A 427 -15.31 4.08 21.04
CA HIS A 427 -14.68 5.35 21.40
C HIS A 427 -13.94 5.95 20.20
N PHE A 428 -14.12 7.25 20.00
CA PHE A 428 -13.48 7.94 18.88
C PHE A 428 -12.85 9.24 19.36
N GLY A 429 -11.63 9.50 18.88
CA GLY A 429 -10.93 10.72 19.27
C GLY A 429 -11.31 11.95 18.47
N SER A 430 -12.46 11.92 17.82
CA SER A 430 -12.90 13.06 17.02
C SER A 430 -14.27 12.80 16.43
N GLU A 431 -14.95 13.88 16.04
CA GLU A 431 -16.28 13.78 15.44
C GLU A 431 -16.21 13.07 14.08
N ALA A 432 -15.20 13.43 13.29
CA ALA A 432 -14.99 12.83 11.98
C ALA A 432 -14.75 11.34 12.11
N ASP A 433 -13.87 10.96 13.04
CA ASP A 433 -13.57 9.55 13.27
C ASP A 433 -14.84 8.73 13.51
N ARG A 434 -15.72 9.23 14.37
CA ARG A 434 -16.97 8.54 14.65
C ARG A 434 -17.85 8.47 13.41
N TRP A 435 -17.86 9.56 12.65
CA TRP A 435 -18.64 9.64 11.42
C TRP A 435 -18.22 8.53 10.45
N CYS A 436 -16.91 8.42 10.21
CA CYS A 436 -16.39 7.40 9.31
C CYS A 436 -16.99 6.05 9.66
N PHE A 437 -17.22 5.83 10.95
CA PHE A 437 -17.79 4.57 11.41
C PHE A 437 -19.27 4.44 11.06
N GLN A 438 -20.04 5.47 11.43
CA GLN A 438 -21.48 5.46 11.19
C GLN A 438 -21.94 5.42 9.74
N ILE A 439 -21.17 5.99 8.82
CA ILE A 439 -21.57 5.95 7.42
C ILE A 439 -21.39 4.56 6.80
N ASP A 440 -20.86 3.62 7.58
CA ASP A 440 -20.66 2.24 7.10
C ASP A 440 -20.14 1.34 8.22
N PRO A 441 -21.03 0.92 9.12
CA PRO A 441 -20.73 0.07 10.27
C PRO A 441 -20.22 -1.33 9.95
N GLU A 442 -20.89 -2.04 9.05
CA GLU A 442 -20.50 -3.39 8.68
C GLU A 442 -19.03 -3.53 8.26
N ARG A 443 -18.37 -2.41 8.05
CA ARG A 443 -16.95 -2.40 7.64
C ARG A 443 -15.96 -2.35 8.80
N TYR A 444 -16.41 -1.88 9.96
CA TYR A 444 -15.52 -1.77 11.12
C TYR A 444 -16.05 -2.48 12.36
N LYS A 445 -17.34 -2.78 12.34
CA LYS A 445 -18.06 -3.46 13.40
C LYS A 445 -17.23 -4.33 14.35
N ASN A 446 -16.93 -5.56 13.95
CA ASN A 446 -16.20 -6.47 14.83
C ASN A 446 -14.69 -6.30 14.98
N HIS A 447 -14.13 -5.25 14.40
CA HIS A 447 -12.70 -5.05 14.56
C HIS A 447 -12.49 -4.66 16.02
N THR A 448 -11.25 -4.76 16.50
CA THR A 448 -10.96 -4.43 17.89
C THR A 448 -9.59 -3.82 18.06
N ASN A 449 -9.52 -2.69 18.78
CA ASN A 449 -8.23 -2.06 19.02
C ASN A 449 -7.52 -2.73 20.20
N LEU A 450 -6.30 -2.29 20.48
CA LEU A 450 -5.52 -2.87 21.56
C LEU A 450 -6.26 -3.00 22.89
N VAL A 451 -7.02 -1.98 23.26
CA VAL A 451 -7.76 -1.99 24.51
C VAL A 451 -8.87 -3.03 24.47
N ASP A 452 -9.61 -3.08 23.36
CA ASP A 452 -10.69 -4.05 23.25
C ASP A 452 -10.14 -5.46 23.45
N ARG A 453 -8.95 -5.71 22.89
CA ARG A 453 -8.31 -7.01 22.99
C ARG A 453 -7.86 -7.25 24.43
N PHE A 454 -7.30 -6.22 25.05
CA PHE A 454 -6.86 -6.33 26.43
C PHE A 454 -8.05 -6.73 27.32
N LEU A 455 -9.15 -6.01 27.16
CA LEU A 455 -10.35 -6.25 27.96
C LEU A 455 -11.03 -7.58 27.69
N LYS A 456 -10.71 -8.22 26.56
CA LYS A 456 -11.31 -9.51 26.21
C LYS A 456 -10.42 -10.66 26.64
N GLY A 457 -9.29 -10.34 27.27
CA GLY A 457 -8.38 -11.38 27.73
C GLY A 457 -7.43 -11.93 26.68
N GLU A 458 -7.29 -11.24 25.54
CA GLU A 458 -6.41 -11.71 24.47
C GLU A 458 -4.95 -11.32 24.65
N ILE A 459 -4.68 -10.47 25.63
CA ILE A 459 -3.31 -10.06 25.91
C ILE A 459 -2.94 -10.72 27.23
N GLN A 460 -2.06 -11.72 27.16
CA GLN A 460 -1.67 -12.48 28.34
C GLN A 460 -0.17 -12.74 28.43
N PRO A 461 0.43 -12.52 29.61
CA PRO A 461 -0.22 -12.05 30.83
C PRO A 461 -0.88 -10.69 30.59
N ALA A 462 -1.87 -10.35 31.40
CA ALA A 462 -2.57 -9.09 31.24
C ALA A 462 -1.94 -7.95 32.04
N ASP A 463 -0.67 -7.65 31.75
CA ASP A 463 0.04 -6.57 32.41
C ASP A 463 1.00 -5.93 31.42
N LEU A 464 1.80 -4.98 31.89
CA LEU A 464 2.75 -4.29 31.03
C LEU A 464 3.65 -5.25 30.24
N ALA A 465 4.33 -6.14 30.95
CA ALA A 465 5.24 -7.11 30.30
C ALA A 465 4.54 -7.94 29.24
N GLY A 466 3.29 -8.30 29.51
CA GLY A 466 2.53 -9.10 28.57
C GLY A 466 2.17 -8.30 27.32
N ALA A 467 1.81 -7.04 27.51
CA ALA A 467 1.45 -6.18 26.39
C ALA A 467 2.68 -5.97 25.52
N LEU A 468 3.83 -5.76 26.14
CA LEU A 468 5.07 -5.55 25.41
C LEU A 468 5.39 -6.76 24.55
N MET A 469 5.31 -7.94 25.14
CA MET A 469 5.60 -9.18 24.42
C MET A 469 4.54 -9.43 23.34
N TYR A 470 3.32 -8.96 23.55
CA TYR A 470 2.24 -9.10 22.58
C TYR A 470 2.49 -8.21 21.34
N MET A 471 3.17 -7.08 21.55
CA MET A 471 3.48 -6.15 20.47
C MET A 471 4.84 -6.50 19.87
N SER A 472 5.42 -7.62 20.31
CA SER A 472 6.73 -8.08 19.83
C SER A 472 7.89 -7.15 20.20
N LEU A 473 7.74 -6.40 21.28
CA LEU A 473 8.80 -5.48 21.72
C LEU A 473 9.64 -6.04 22.86
N GLU A 474 10.93 -5.73 22.82
CA GLU A 474 11.88 -6.19 23.82
C GLU A 474 12.94 -5.13 23.99
N PRO A 475 13.68 -5.17 25.12
CA PRO A 475 14.72 -4.17 25.35
C PRO A 475 15.66 -4.14 24.14
N GLY A 476 16.12 -2.95 23.80
CA GLY A 476 17.01 -2.82 22.65
C GLY A 476 16.27 -2.12 21.54
N VAL A 477 15.01 -2.48 21.37
CA VAL A 477 14.18 -1.85 20.34
C VAL A 477 13.16 -0.94 21.02
N MET A 478 12.82 -1.26 22.26
CA MET A 478 11.87 -0.45 23.03
C MET A 478 12.37 0.99 23.10
N GLY A 479 11.48 1.93 22.81
CA GLY A 479 11.86 3.33 22.81
C GLY A 479 12.13 4.01 24.14
N ASP A 480 12.85 5.12 24.07
CA ASP A 480 13.22 5.93 25.23
C ASP A 480 13.60 7.31 24.66
N ASP A 481 13.77 8.30 25.54
CA ASP A 481 14.11 9.64 25.07
C ASP A 481 15.30 9.68 24.11
N ALA A 482 15.09 10.29 22.96
CA ALA A 482 16.09 10.41 21.91
C ALA A 482 17.47 10.89 22.38
N HIS A 483 17.53 12.05 23.02
CA HIS A 483 18.81 12.58 23.47
C HIS A 483 19.24 12.14 24.86
N ASP A 484 18.69 11.03 25.32
CA ASP A 484 19.03 10.48 26.63
C ASP A 484 18.84 11.49 27.76
N TYR A 485 17.80 12.32 27.64
CA TYR A 485 17.45 13.32 28.64
C TYR A 485 18.44 14.48 28.77
N GLU A 486 19.32 14.64 27.78
CA GLU A 486 20.30 15.70 27.78
C GLU A 486 19.66 17.08 27.91
N TRP A 487 18.43 17.21 27.42
CA TRP A 487 17.70 18.47 27.45
C TRP A 487 17.23 18.92 28.85
N VAL A 488 17.50 18.10 29.87
CA VAL A 488 17.06 18.44 31.22
C VAL A 488 18.07 19.32 31.95
N LYS A 489 19.35 19.09 31.71
CA LYS A 489 20.41 19.87 32.36
C LYS A 489 20.12 21.36 32.26
N ALA A 490 19.23 21.73 31.35
CA ALA A 490 18.85 23.12 31.16
C ALA A 490 18.02 23.65 32.32
N TYR A 491 17.19 22.79 32.89
CA TYR A 491 16.34 23.19 34.01
C TYR A 491 16.98 22.77 35.33
N GLN A 492 18.31 22.62 35.32
CA GLN A 492 19.06 22.20 36.51
C GLN A 492 18.92 20.70 36.74
N ALA B 8 18.73 -7.47 26.59
CA ALA B 8 18.66 -6.56 25.41
C ALA B 8 18.92 -7.33 24.12
N LEU B 9 18.31 -6.88 23.03
CA LEU B 9 18.48 -7.53 21.74
C LEU B 9 19.71 -7.05 20.98
N LYS B 10 20.51 -8.00 20.50
CA LYS B 10 21.73 -7.69 19.75
C LYS B 10 21.42 -7.56 18.27
N PRO B 11 22.06 -6.59 17.59
CA PRO B 11 21.83 -6.40 16.15
C PRO B 11 22.31 -7.60 15.35
N LEU B 12 21.62 -7.90 14.24
CA LEU B 12 21.97 -9.04 13.38
C LEU B 12 22.77 -8.62 12.15
N LYS B 13 23.14 -9.63 11.34
CA LYS B 13 23.89 -9.40 10.11
C LYS B 13 22.91 -9.24 8.95
N THR B 14 21.68 -9.69 9.17
CA THR B 14 20.62 -9.64 8.15
C THR B 14 19.26 -9.52 8.83
N TRP B 15 18.19 -9.41 8.04
CA TRP B 15 16.83 -9.30 8.59
C TRP B 15 16.65 -10.47 9.54
N SER B 16 15.88 -10.27 10.60
CA SER B 16 15.64 -11.33 11.59
C SER B 16 15.08 -12.62 10.99
N HIS B 17 14.17 -12.51 10.02
CA HIS B 17 13.58 -13.70 9.40
C HIS B 17 14.53 -14.43 8.47
N LEU B 18 15.65 -13.80 8.13
CA LEU B 18 16.63 -14.42 7.26
C LEU B 18 17.82 -14.92 8.06
N ALA B 19 17.85 -14.57 9.34
CA ALA B 19 18.93 -15.03 10.21
C ALA B 19 18.73 -16.55 10.25
N GLY B 20 19.82 -17.28 10.43
CA GLY B 20 19.69 -18.74 10.46
C GLY B 20 19.98 -19.31 9.09
N ASN B 21 20.16 -18.43 8.12
CA ASN B 21 20.48 -18.85 6.76
C ASN B 21 21.95 -19.22 6.76
N ARG B 22 22.34 -20.06 5.80
CA ARG B 22 23.72 -20.50 5.69
C ARG B 22 24.58 -19.47 4.96
N ARG B 23 24.18 -19.11 3.74
CA ARG B 23 24.94 -18.13 2.97
C ARG B 23 24.38 -16.73 3.10
N ARG B 24 25.26 -15.73 3.00
CA ARG B 24 24.88 -14.34 3.09
C ARG B 24 23.71 -14.07 2.15
N PRO B 25 22.62 -13.46 2.67
CA PRO B 25 21.45 -13.18 1.84
C PRO B 25 21.78 -12.25 0.66
N SER B 26 21.21 -12.53 -0.50
CA SER B 26 21.43 -11.72 -1.69
C SER B 26 20.46 -10.53 -1.72
N GLU B 27 20.75 -9.55 -2.57
CA GLU B 27 19.89 -8.38 -2.71
C GLU B 27 18.49 -8.90 -2.93
N TYR B 28 18.37 -9.83 -3.87
CA TYR B 28 17.08 -10.40 -4.19
C TYR B 28 16.33 -10.84 -2.94
N GLU B 29 16.98 -11.61 -2.07
CA GLU B 29 16.34 -12.09 -0.85
C GLU B 29 16.02 -10.96 0.12
N VAL B 30 16.95 -10.00 0.22
CA VAL B 30 16.79 -8.86 1.10
C VAL B 30 15.57 -7.99 0.80
N VAL B 31 15.25 -7.78 -0.48
CA VAL B 31 14.12 -6.94 -0.83
C VAL B 31 12.85 -7.64 -1.32
N SER B 32 12.82 -8.97 -1.31
CA SER B 32 11.63 -9.67 -1.81
C SER B 32 10.93 -10.68 -0.91
N THR B 33 11.57 -11.08 0.20
CA THR B 33 10.99 -12.12 1.04
C THR B 33 10.13 -11.76 2.23
N ASN B 34 9.10 -12.59 2.45
CA ASN B 34 8.17 -12.44 3.57
C ASN B 34 7.65 -11.00 3.67
N LEU B 35 7.07 -10.51 2.59
CA LEU B 35 6.57 -9.14 2.59
C LEU B 35 5.07 -9.01 2.82
N HIS B 36 4.30 -9.99 2.37
CA HIS B 36 2.86 -9.92 2.56
C HIS B 36 2.50 -10.08 4.03
N TYR B 37 1.57 -9.27 4.51
CA TYR B 37 1.17 -9.36 5.91
C TYR B 37 -0.27 -9.84 6.06
N PHE B 38 -1.00 -9.91 4.96
CA PHE B 38 -2.38 -10.38 5.03
C PHE B 38 -2.41 -11.86 5.39
N THR B 39 -1.28 -12.54 5.24
CA THR B 39 -1.21 -13.96 5.58
C THR B 39 -0.86 -14.15 7.07
N ASP B 40 -0.64 -13.06 7.79
CA ASP B 40 -0.34 -13.20 9.21
C ASP B 40 -1.55 -13.69 10.02
N ASN B 41 -2.76 -13.33 9.59
CA ASN B 41 -3.97 -13.75 10.28
C ASN B 41 -5.03 -14.21 9.29
N PRO B 42 -5.08 -15.52 8.98
CA PRO B 42 -6.04 -16.12 8.05
C PRO B 42 -7.49 -15.95 8.46
N GLU B 43 -7.69 -15.70 9.75
CA GLU B 43 -9.03 -15.52 10.29
C GLU B 43 -9.55 -14.15 9.86
N ARG B 44 -8.66 -13.16 9.94
CA ARG B 44 -8.97 -11.76 9.58
C ARG B 44 -7.74 -11.20 8.88
N PRO B 45 -7.59 -11.52 7.58
CA PRO B 45 -6.41 -11.01 6.86
C PRO B 45 -6.17 -9.50 6.93
N TRP B 46 -7.23 -8.70 6.79
CA TRP B 46 -7.07 -7.24 6.84
C TRP B 46 -7.51 -6.64 8.18
N GLU B 47 -6.86 -5.54 8.56
CA GLU B 47 -7.10 -4.85 9.82
C GLU B 47 -8.46 -4.14 9.90
N LEU B 48 -9.53 -4.83 9.55
CA LEU B 48 -10.87 -4.25 9.60
C LEU B 48 -11.85 -5.34 9.98
N ASP B 49 -13.14 -5.09 9.80
CA ASP B 49 -14.15 -6.08 10.13
C ASP B 49 -13.83 -7.39 9.39
N SER B 50 -14.00 -8.51 10.08
CA SER B 50 -13.69 -9.81 9.50
C SER B 50 -14.70 -10.27 8.46
N ASN B 51 -15.78 -9.53 8.30
CA ASN B 51 -16.80 -9.91 7.34
C ASN B 51 -16.84 -9.17 6.01
N LEU B 52 -15.94 -8.18 5.84
CA LEU B 52 -15.86 -7.44 4.58
C LEU B 52 -15.67 -8.39 3.39
N PRO B 53 -16.24 -8.03 2.23
CA PRO B 53 -16.10 -8.86 1.02
C PRO B 53 -14.66 -9.27 0.71
N MET B 54 -13.72 -8.33 0.85
CA MET B 54 -12.32 -8.61 0.58
C MET B 54 -11.67 -9.56 1.60
N GLN B 55 -12.30 -9.75 2.74
CA GLN B 55 -11.78 -10.65 3.76
C GLN B 55 -12.16 -12.03 3.24
N THR B 56 -13.41 -12.13 2.81
CA THR B 56 -13.97 -13.36 2.26
C THR B 56 -13.28 -13.78 0.97
N TRP B 57 -12.92 -12.80 0.14
CA TRP B 57 -12.25 -13.09 -1.11
C TRP B 57 -10.91 -13.75 -0.86
N TYR B 58 -10.10 -13.18 0.02
CA TYR B 58 -8.80 -13.76 0.30
C TYR B 58 -8.85 -15.10 1.04
N LYS B 59 -9.81 -15.25 1.94
CA LYS B 59 -9.91 -16.50 2.69
C LYS B 59 -10.33 -17.63 1.75
N LYS B 60 -11.25 -17.36 0.84
CA LYS B 60 -11.72 -18.35 -0.11
C LYS B 60 -10.77 -18.63 -1.28
N TYR B 61 -10.24 -17.57 -1.89
CA TYR B 61 -9.37 -17.73 -3.05
C TYR B 61 -7.87 -17.84 -2.84
N CYS B 62 -7.38 -17.41 -1.68
CA CYS B 62 -5.96 -17.57 -1.43
C CYS B 62 -5.75 -18.68 -0.39
N PHE B 63 -6.33 -18.48 0.79
CA PHE B 63 -6.16 -19.44 1.88
C PHE B 63 -6.77 -20.83 1.68
N ASP B 64 -7.96 -20.90 1.09
CA ASP B 64 -8.60 -22.21 0.90
C ASP B 64 -8.35 -22.90 -0.43
N SER B 65 -7.25 -22.55 -1.09
CA SER B 65 -6.94 -23.17 -2.36
C SER B 65 -6.49 -24.62 -2.16
N PRO B 66 -6.88 -25.54 -3.06
CA PRO B 66 -6.46 -26.94 -2.91
C PRO B 66 -4.96 -27.15 -3.16
N LEU B 67 -4.29 -26.16 -3.73
CA LEU B 67 -2.86 -26.26 -3.99
C LEU B 67 -2.24 -25.79 -2.68
N LYS B 68 -1.70 -26.73 -1.89
CA LYS B 68 -1.16 -26.40 -0.58
C LYS B 68 0.33 -26.55 -0.34
N HIS B 69 0.80 -25.82 0.67
CA HIS B 69 2.20 -25.85 1.07
C HIS B 69 2.28 -25.13 2.42
N ASP B 70 3.20 -25.58 3.28
CA ASP B 70 3.35 -25.01 4.61
C ASP B 70 4.20 -23.74 4.70
N ASP B 71 4.97 -23.45 3.66
CA ASP B 71 5.83 -22.27 3.71
C ASP B 71 6.06 -21.64 2.33
N TRP B 72 4.98 -21.15 1.74
CA TRP B 72 5.07 -20.53 0.42
C TRP B 72 6.17 -19.46 0.33
N ASN B 73 6.45 -18.77 1.43
CA ASN B 73 7.50 -17.73 1.41
C ASN B 73 8.88 -18.29 1.08
N ALA B 74 9.01 -19.62 1.07
CA ALA B 74 10.28 -20.27 0.75
C ALA B 74 10.58 -20.17 -0.75
N PHE B 75 9.54 -19.98 -1.57
CA PHE B 75 9.70 -19.87 -3.02
C PHE B 75 10.73 -18.82 -3.45
N ARG B 76 11.58 -19.18 -4.40
CA ARG B 76 12.60 -18.27 -4.88
C ARG B 76 12.63 -18.24 -6.40
N ASP B 77 12.61 -17.05 -6.98
CA ASP B 77 12.63 -16.86 -8.43
C ASP B 77 13.93 -17.39 -8.96
N PRO B 78 13.88 -18.36 -9.89
CA PRO B 78 15.14 -18.90 -10.44
C PRO B 78 15.95 -17.77 -11.09
N ASP B 79 15.26 -16.80 -11.68
CA ASP B 79 15.95 -15.67 -12.30
C ASP B 79 16.28 -14.59 -11.27
N GLN B 80 15.73 -14.72 -10.07
CA GLN B 80 15.98 -13.76 -8.98
C GLN B 80 15.74 -12.31 -9.40
N LEU B 81 14.74 -12.05 -10.24
CA LEU B 81 14.47 -10.69 -10.66
C LEU B 81 14.13 -9.75 -9.52
N VAL B 82 14.64 -8.53 -9.65
CA VAL B 82 14.42 -7.47 -8.68
C VAL B 82 14.08 -6.28 -9.57
N TYR B 83 13.44 -5.24 -9.03
CA TYR B 83 13.05 -4.09 -9.85
C TYR B 83 14.22 -3.46 -10.59
N ARG B 84 15.33 -3.32 -9.88
CA ARG B 84 16.54 -2.73 -10.45
C ARG B 84 17.07 -3.56 -11.60
N THR B 85 17.16 -4.87 -11.41
CA THR B 85 17.69 -5.75 -12.47
C THR B 85 16.71 -5.95 -13.61
N TYR B 86 15.42 -5.80 -13.34
CA TYR B 86 14.41 -5.95 -14.37
C TYR B 86 14.59 -4.85 -15.40
N ASN B 87 14.67 -3.62 -14.92
CA ASN B 87 14.81 -2.46 -15.79
C ASN B 87 16.10 -2.52 -16.59
N LEU B 88 17.20 -2.89 -15.93
CA LEU B 88 18.49 -3.00 -16.59
C LEU B 88 18.41 -4.00 -17.75
N LEU B 89 17.80 -5.14 -17.47
CA LEU B 89 17.65 -6.23 -18.42
C LEU B 89 16.76 -5.81 -19.60
N GLN B 90 15.55 -5.32 -19.29
CA GLN B 90 14.62 -4.91 -20.33
C GLN B 90 15.02 -3.64 -21.07
N ASP B 91 15.73 -2.73 -20.39
CA ASP B 91 16.13 -1.51 -21.08
C ASP B 91 17.01 -1.94 -22.25
N GLY B 92 17.85 -2.93 -22.00
CA GLY B 92 18.72 -3.44 -23.05
C GLY B 92 17.91 -4.02 -24.19
N GLN B 93 16.97 -4.90 -23.85
CA GLN B 93 16.14 -5.54 -24.87
C GLN B 93 15.33 -4.51 -25.66
N GLU B 94 14.88 -3.46 -24.99
CA GLU B 94 14.10 -2.43 -25.66
C GLU B 94 14.99 -1.60 -26.58
N SER B 95 16.27 -1.48 -26.25
CA SER B 95 17.19 -0.74 -27.11
C SER B 95 17.29 -1.51 -28.42
N TYR B 96 17.33 -2.84 -28.29
CA TYR B 96 17.41 -3.73 -29.44
C TYR B 96 16.13 -3.61 -30.29
N VAL B 97 14.98 -3.65 -29.64
CA VAL B 97 13.73 -3.54 -30.38
C VAL B 97 13.62 -2.19 -31.05
N GLN B 98 14.12 -1.16 -30.38
CA GLN B 98 14.06 0.18 -30.94
C GLN B 98 14.89 0.18 -32.22
N GLY B 99 16.03 -0.51 -32.18
CA GLY B 99 16.87 -0.60 -33.35
C GLY B 99 16.11 -1.20 -34.52
N LEU B 100 15.50 -2.38 -34.30
CA LEU B 100 14.75 -3.06 -35.35
C LEU B 100 13.68 -2.17 -36.00
N PHE B 101 12.83 -1.54 -35.19
CA PHE B 101 11.79 -0.65 -35.72
C PHE B 101 12.35 0.54 -36.52
N ASP B 102 13.21 1.30 -35.86
CA ASP B 102 13.81 2.49 -36.45
C ASP B 102 14.63 2.22 -37.70
N GLN B 103 15.51 1.23 -37.66
CA GLN B 103 16.37 0.95 -38.79
C GLN B 103 15.76 0.13 -39.94
N LEU B 104 14.76 -0.69 -39.65
CA LEU B 104 14.12 -1.40 -40.74
C LEU B 104 13.23 -0.36 -41.43
N ASN B 105 12.69 0.58 -40.64
CA ASN B 105 11.87 1.66 -41.19
C ASN B 105 12.77 2.43 -42.16
N ASP B 106 13.97 2.77 -41.69
CA ASP B 106 14.92 3.50 -42.52
C ASP B 106 15.15 2.83 -43.86
N ARG B 107 15.16 1.50 -43.91
CA ARG B 107 15.37 0.80 -45.17
C ARG B 107 14.06 0.46 -45.89
N GLY B 108 13.00 1.15 -45.50
CA GLY B 108 11.68 0.95 -46.11
C GLY B 108 11.13 -0.48 -46.12
N HIS B 109 11.48 -1.24 -45.09
CA HIS B 109 11.04 -2.63 -44.96
C HIS B 109 9.54 -2.88 -45.15
N ASP B 110 8.72 -1.93 -44.69
CA ASP B 110 7.28 -2.09 -44.80
C ASP B 110 6.70 -2.06 -46.21
N GLN B 111 7.29 -1.25 -47.08
CA GLN B 111 6.80 -1.12 -48.45
C GLN B 111 7.02 -2.35 -49.33
N MET B 112 7.98 -3.20 -48.99
CA MET B 112 8.22 -4.39 -49.79
C MET B 112 7.53 -5.65 -49.28
N LEU B 113 6.44 -5.47 -48.53
CA LEU B 113 5.67 -6.58 -48.03
C LEU B 113 4.54 -6.80 -49.02
N THR B 114 4.21 -8.05 -49.30
CA THR B 114 3.13 -8.35 -50.24
C THR B 114 1.76 -8.01 -49.68
N ARG B 115 0.80 -7.79 -50.58
CA ARG B 115 -0.57 -7.46 -50.21
C ARG B 115 -1.18 -8.62 -49.41
N GLU B 116 -0.89 -9.85 -49.85
CA GLU B 116 -1.40 -11.04 -49.19
C GLU B 116 -0.95 -11.04 -47.72
N TRP B 117 0.35 -10.85 -47.51
CA TRP B 117 0.90 -10.84 -46.17
C TRP B 117 0.34 -9.75 -45.27
N VAL B 118 0.03 -8.60 -45.86
CA VAL B 118 -0.52 -7.48 -45.12
C VAL B 118 -1.90 -7.87 -44.58
N GLU B 119 -2.72 -8.48 -45.43
CA GLU B 119 -4.04 -8.91 -45.02
C GLU B 119 -3.92 -9.99 -43.96
N THR B 120 -2.88 -10.80 -44.08
CA THR B 120 -2.64 -11.85 -43.10
C THR B 120 -2.34 -11.18 -41.75
N LEU B 121 -1.59 -10.09 -41.78
CA LEU B 121 -1.24 -9.37 -40.56
C LEU B 121 -2.47 -8.72 -39.93
N ALA B 122 -3.38 -8.22 -40.75
CA ALA B 122 -4.59 -7.57 -40.24
C ALA B 122 -5.49 -8.54 -39.49
N ARG B 123 -5.48 -9.80 -39.92
CA ARG B 123 -6.32 -10.81 -39.30
C ARG B 123 -5.63 -11.59 -38.17
N PHE B 124 -4.39 -11.99 -38.38
CA PHE B 124 -3.66 -12.78 -37.40
C PHE B 124 -2.65 -12.09 -36.49
N TYR B 125 -2.29 -10.85 -36.79
CA TYR B 125 -1.29 -10.19 -35.96
C TYR B 125 -1.79 -9.03 -35.10
N THR B 126 -2.26 -7.96 -35.72
CA THR B 126 -2.67 -6.80 -34.93
C THR B 126 -3.74 -7.04 -33.87
N PRO B 127 -4.69 -7.97 -34.10
CA PRO B 127 -5.70 -8.15 -33.04
C PRO B 127 -5.10 -8.76 -31.76
N ALA B 128 -3.87 -9.22 -31.82
CA ALA B 128 -3.26 -9.80 -30.63
C ALA B 128 -3.16 -8.78 -29.50
N ARG B 129 -3.33 -7.49 -29.81
CA ARG B 129 -3.24 -6.50 -28.75
C ARG B 129 -4.28 -6.79 -27.67
N TYR B 130 -5.40 -7.38 -28.07
CA TYR B 130 -6.43 -7.71 -27.09
C TYR B 130 -6.03 -8.94 -26.29
N LEU B 131 -5.47 -9.92 -26.97
CA LEU B 131 -5.05 -11.15 -26.29
C LEU B 131 -3.90 -10.88 -25.30
N PHE B 132 -2.97 -10.01 -25.68
CA PHE B 132 -1.83 -9.70 -24.83
C PHE B 132 -2.24 -8.87 -23.62
N HIS B 133 -3.24 -8.02 -23.79
CA HIS B 133 -3.69 -7.21 -22.66
C HIS B 133 -4.43 -8.15 -21.70
N ALA B 134 -5.16 -9.11 -22.24
CA ALA B 134 -5.89 -10.07 -21.42
C ALA B 134 -4.88 -10.86 -20.58
N LEU B 135 -3.73 -11.18 -21.19
CA LEU B 135 -2.69 -11.89 -20.46
C LEU B 135 -2.18 -10.95 -19.37
N GLN B 136 -2.16 -9.65 -19.68
CA GLN B 136 -1.70 -8.62 -18.74
C GLN B 136 -2.62 -8.60 -17.52
N MET B 137 -3.94 -8.65 -17.76
CA MET B 137 -4.94 -8.66 -16.71
C MET B 137 -4.81 -9.98 -15.93
N GLY B 138 -4.63 -11.06 -16.70
CA GLY B 138 -4.50 -12.39 -16.12
C GLY B 138 -3.40 -12.52 -15.09
N SER B 139 -2.20 -12.08 -15.43
CA SER B 139 -1.07 -12.20 -14.53
C SER B 139 -1.11 -11.17 -13.41
N VAL B 140 -1.74 -10.02 -13.66
CA VAL B 140 -1.83 -9.01 -12.62
C VAL B 140 -2.82 -9.48 -11.55
N TYR B 141 -3.71 -10.41 -11.90
CA TYR B 141 -4.62 -10.93 -10.89
C TYR B 141 -3.79 -11.88 -10.00
N ILE B 142 -2.96 -12.71 -10.63
CA ILE B 142 -2.09 -13.64 -9.89
C ILE B 142 -1.28 -12.87 -8.85
N HIS B 143 -0.80 -11.68 -9.24
CA HIS B 143 -0.02 -10.81 -8.36
C HIS B 143 -0.73 -10.56 -7.01
N GLN B 144 -1.97 -10.13 -7.10
CA GLN B 144 -2.74 -9.77 -5.93
C GLN B 144 -3.41 -10.92 -5.15
N ILE B 145 -3.28 -12.15 -5.61
CA ILE B 145 -3.92 -13.26 -4.89
C ILE B 145 -2.97 -14.37 -4.43
N ALA B 146 -1.71 -14.33 -4.86
CA ALA B 146 -0.74 -15.36 -4.47
C ALA B 146 -0.39 -15.26 -2.98
N PRO B 147 -0.09 -16.41 -2.34
CA PRO B 147 0.26 -16.48 -0.91
C PRO B 147 1.65 -16.01 -0.48
N ALA B 148 2.49 -15.59 -1.42
CA ALA B 148 3.82 -15.13 -1.04
C ALA B 148 4.33 -13.99 -1.91
N SER B 149 5.17 -13.14 -1.34
CA SER B 149 5.70 -12.01 -2.08
C SER B 149 6.68 -12.40 -3.19
N THR B 150 7.44 -13.48 -3.01
CA THR B 150 8.37 -13.91 -4.07
C THR B 150 7.55 -14.46 -5.23
N ILE B 151 6.38 -15.01 -4.94
CA ILE B 151 5.52 -15.52 -6.00
C ILE B 151 4.95 -14.30 -6.73
N THR B 152 4.44 -13.34 -5.95
CA THR B 152 3.84 -12.12 -6.49
C THR B 152 4.77 -11.32 -7.41
N ASN B 153 6.01 -11.14 -7.00
CA ASN B 153 6.94 -10.39 -7.84
C ASN B 153 7.12 -11.05 -9.21
N CYS B 154 7.20 -12.39 -9.26
CA CYS B 154 7.35 -13.04 -10.54
C CYS B 154 6.13 -12.64 -11.37
N ALA B 155 4.97 -12.56 -10.73
CA ALA B 155 3.76 -12.16 -11.44
C ALA B 155 3.85 -10.66 -11.82
N THR B 156 4.43 -9.85 -10.93
CA THR B 156 4.56 -8.41 -11.19
C THR B 156 5.33 -8.16 -12.50
N TYR B 157 6.51 -8.76 -12.61
CA TYR B 157 7.37 -8.61 -13.78
C TYR B 157 6.76 -9.22 -15.07
N GLU B 158 6.16 -10.39 -14.96
CA GLU B 158 5.51 -11.01 -16.12
C GLU B 158 4.40 -10.07 -16.63
N THR B 159 3.73 -9.38 -15.71
CA THR B 159 2.67 -8.45 -16.04
C THR B 159 3.21 -7.29 -16.86
N ALA B 160 4.39 -6.81 -16.48
CA ALA B 160 5.02 -5.72 -17.20
C ALA B 160 5.40 -6.21 -18.61
N ASP B 161 5.82 -7.47 -18.71
CA ASP B 161 6.18 -8.07 -19.99
C ASP B 161 4.97 -8.15 -20.91
N HIS B 162 3.82 -8.53 -20.37
CA HIS B 162 2.62 -8.61 -21.19
C HIS B 162 2.26 -7.21 -21.70
N LEU B 163 2.48 -6.19 -20.87
CA LEU B 163 2.20 -4.81 -21.29
C LEU B 163 3.16 -4.43 -22.40
N ARG B 164 4.38 -4.94 -22.30
CA ARG B 164 5.41 -4.69 -23.30
C ARG B 164 5.00 -5.30 -24.65
N TRP B 165 4.42 -6.50 -24.63
CA TRP B 165 4.00 -7.15 -25.87
C TRP B 165 2.86 -6.32 -26.48
N LEU B 166 1.95 -5.88 -25.62
CA LEU B 166 0.83 -5.05 -26.04
C LEU B 166 1.39 -3.81 -26.75
N THR B 167 2.37 -3.18 -26.10
CA THR B 167 2.98 -1.97 -26.60
C THR B 167 3.65 -2.15 -27.96
N HIS B 168 4.42 -3.23 -28.11
CA HIS B 168 5.07 -3.48 -29.39
C HIS B 168 4.00 -3.55 -30.47
N THR B 169 2.93 -4.26 -30.17
CA THR B 169 1.84 -4.45 -31.11
C THR B 169 1.14 -3.16 -31.49
N ALA B 170 0.90 -2.29 -30.52
CA ALA B 170 0.22 -1.00 -30.79
C ALA B 170 1.07 -0.14 -31.74
N TYR B 171 2.37 -0.12 -31.48
CA TYR B 171 3.30 0.66 -32.29
C TYR B 171 3.31 0.12 -33.72
N ARG B 172 3.56 -1.18 -33.85
CA ARG B 172 3.60 -1.77 -35.18
C ARG B 172 2.28 -1.57 -35.94
N THR B 173 1.15 -1.64 -35.23
CA THR B 173 -0.14 -1.45 -35.86
C THR B 173 -0.27 -0.05 -36.48
N ARG B 174 0.26 0.95 -35.79
CA ARG B 174 0.24 2.33 -36.27
C ARG B 174 1.04 2.44 -37.58
N GLU B 175 2.23 1.81 -37.57
CA GLU B 175 3.09 1.84 -38.73
C GLU B 175 2.42 1.18 -39.92
N LEU B 176 1.72 0.08 -39.67
CA LEU B 176 1.02 -0.61 -40.73
C LEU B 176 -0.13 0.25 -41.28
N ALA B 177 -0.87 0.93 -40.40
CA ALA B 177 -1.98 1.77 -40.83
C ALA B 177 -1.46 2.93 -41.70
N ASN B 178 -0.24 3.40 -41.40
CA ASN B 178 0.36 4.48 -42.15
C ASN B 178 0.70 4.03 -43.55
N CYS B 179 1.25 2.83 -43.66
CA CYS B 179 1.65 2.29 -44.94
C CYS B 179 0.49 1.69 -45.76
N TYR B 180 -0.57 1.26 -45.09
CA TYR B 180 -1.72 0.68 -45.79
C TYR B 180 -3.02 1.16 -45.15
N PRO B 181 -3.30 2.46 -45.28
CA PRO B 181 -4.50 3.09 -44.72
C PRO B 181 -5.86 2.52 -45.13
N ASP B 182 -5.89 1.64 -46.13
CA ASP B 182 -7.13 1.04 -46.61
C ASP B 182 -7.53 -0.25 -45.90
N VAL B 183 -6.54 -0.94 -45.32
CA VAL B 183 -6.76 -2.21 -44.64
C VAL B 183 -7.60 -2.10 -43.37
N GLY B 184 -7.50 -0.97 -42.66
CA GLY B 184 -8.27 -0.80 -41.45
C GLY B 184 -7.46 -1.11 -40.19
N PHE B 185 -6.13 -1.05 -40.31
CA PHE B 185 -5.25 -1.29 -39.18
C PHE B 185 -5.61 -0.29 -38.10
N GLY B 186 -5.67 -0.75 -36.86
CA GLY B 186 -6.00 0.14 -35.76
C GLY B 186 -7.49 0.36 -35.57
N LYS B 187 -8.28 0.14 -36.62
CA LYS B 187 -9.72 0.36 -36.51
C LYS B 187 -10.56 -0.90 -36.41
N ARG B 188 -10.06 -2.00 -36.93
CA ARG B 188 -10.84 -3.24 -36.93
C ARG B 188 -10.48 -4.32 -35.93
N GLU B 189 -9.32 -4.20 -35.29
CA GLU B 189 -8.89 -5.24 -34.36
C GLU B 189 -9.99 -5.79 -33.43
N ARG B 190 -10.74 -4.90 -32.79
CA ARG B 190 -11.80 -5.34 -31.89
C ARG B 190 -12.79 -6.27 -32.60
N ASP B 191 -13.28 -5.85 -33.76
CA ASP B 191 -14.22 -6.68 -34.51
C ASP B 191 -13.62 -8.04 -34.87
N VAL B 192 -12.33 -8.07 -35.17
CA VAL B 192 -11.70 -9.34 -35.53
C VAL B 192 -11.63 -10.21 -34.28
N TRP B 193 -11.12 -9.62 -33.20
CA TRP B 193 -11.00 -10.32 -31.91
C TRP B 193 -12.36 -10.85 -31.44
N GLU B 194 -13.43 -10.06 -31.60
CA GLU B 194 -14.74 -10.51 -31.19
C GLU B 194 -15.48 -11.42 -32.17
N ASN B 195 -15.28 -11.23 -33.48
CA ASN B 195 -16.04 -12.02 -34.47
C ASN B 195 -15.39 -13.00 -35.43
N ASP B 196 -14.07 -12.99 -35.52
CA ASP B 196 -13.39 -13.88 -36.45
C ASP B 196 -13.27 -15.27 -35.87
N PRO B 197 -13.87 -16.27 -36.53
CA PRO B 197 -13.76 -17.62 -35.97
C PRO B 197 -12.35 -18.05 -35.57
N ALA B 198 -11.34 -17.47 -36.22
CA ALA B 198 -9.96 -17.83 -35.91
C ALA B 198 -9.54 -17.45 -34.49
N TRP B 199 -10.18 -16.42 -33.94
CA TRP B 199 -9.86 -15.94 -32.60
C TRP B 199 -10.76 -16.41 -31.46
N GLN B 200 -11.96 -16.89 -31.79
CA GLN B 200 -12.91 -17.32 -30.76
C GLN B 200 -12.36 -18.42 -29.85
N GLY B 201 -11.50 -19.27 -30.39
CA GLY B 201 -10.90 -20.31 -29.57
C GLY B 201 -10.18 -19.63 -28.40
N PHE B 202 -9.19 -18.79 -28.72
CA PHE B 202 -8.43 -18.09 -27.69
C PHE B 202 -9.27 -17.19 -26.80
N ARG B 203 -10.25 -16.54 -27.40
CA ARG B 203 -11.09 -15.61 -26.67
C ARG B 203 -11.88 -16.30 -25.54
N GLU B 204 -12.53 -17.42 -25.87
CA GLU B 204 -13.30 -18.18 -24.88
C GLU B 204 -12.36 -18.67 -23.77
N LEU B 205 -11.17 -19.12 -24.15
CA LEU B 205 -10.17 -19.61 -23.21
C LEU B 205 -9.77 -18.57 -22.17
N ILE B 206 -9.36 -17.38 -22.61
CA ILE B 206 -8.94 -16.36 -21.67
C ILE B 206 -10.08 -15.71 -20.92
N GLU B 207 -11.24 -15.59 -21.56
CA GLU B 207 -12.37 -14.97 -20.86
C GLU B 207 -12.78 -15.85 -19.69
N LYS B 208 -12.85 -17.16 -19.89
CA LYS B 208 -13.21 -18.06 -18.81
C LYS B 208 -12.08 -18.13 -17.78
N ALA B 209 -10.84 -18.17 -18.27
CA ALA B 209 -9.68 -18.24 -17.38
C ALA B 209 -9.60 -16.98 -16.51
N LEU B 210 -9.94 -15.83 -17.08
CA LEU B 210 -9.89 -14.58 -16.32
C LEU B 210 -10.86 -14.53 -15.13
N ILE B 211 -11.78 -15.49 -15.03
CA ILE B 211 -12.68 -15.51 -13.87
C ILE B 211 -12.43 -16.70 -12.93
N ALA B 212 -11.23 -17.28 -13.03
CA ALA B 212 -10.81 -18.39 -12.17
C ALA B 212 -10.07 -17.71 -11.01
N TRP B 213 -10.81 -17.36 -9.96
CA TRP B 213 -10.23 -16.64 -8.83
C TRP B 213 -9.28 -17.36 -7.88
N ASP B 214 -9.34 -18.69 -7.81
CA ASP B 214 -8.43 -19.41 -6.92
C ASP B 214 -7.01 -19.11 -7.38
N TRP B 215 -6.14 -18.65 -6.49
CA TRP B 215 -4.79 -18.32 -6.92
C TRP B 215 -4.13 -19.50 -7.63
N GLY B 216 -4.38 -20.72 -7.13
CA GLY B 216 -3.79 -21.90 -7.72
C GLY B 216 -4.30 -22.19 -9.12
N GLU B 217 -5.61 -22.09 -9.31
CA GLU B 217 -6.18 -22.33 -10.62
C GLU B 217 -5.82 -21.20 -11.57
N ALA B 218 -5.70 -19.99 -11.05
CA ALA B 218 -5.35 -18.85 -11.90
C ALA B 218 -3.95 -19.10 -12.46
N PHE B 219 -3.01 -19.42 -11.57
CA PHE B 219 -1.65 -19.69 -11.97
C PHE B 219 -1.62 -20.79 -13.04
N THR B 220 -2.40 -21.83 -12.83
CA THR B 220 -2.45 -22.94 -13.76
C THR B 220 -3.09 -22.58 -15.10
N ALA B 221 -4.31 -22.05 -15.05
CA ALA B 221 -5.03 -21.68 -16.27
C ALA B 221 -4.29 -20.66 -17.12
N ILE B 222 -3.58 -19.73 -16.47
CA ILE B 222 -2.89 -18.69 -17.22
C ILE B 222 -1.44 -18.99 -17.59
N ASN B 223 -0.62 -19.35 -16.61
CA ASN B 223 0.79 -19.61 -16.89
C ASN B 223 1.16 -20.99 -17.45
N LEU B 224 0.34 -22.01 -17.14
CA LEU B 224 0.66 -23.36 -17.57
C LEU B 224 -0.15 -23.87 -18.75
N VAL B 225 -1.30 -23.28 -18.99
CA VAL B 225 -2.14 -23.73 -20.08
C VAL B 225 -2.34 -22.69 -21.18
N THR B 226 -2.86 -21.51 -20.82
CA THR B 226 -3.11 -20.48 -21.81
C THR B 226 -1.85 -19.88 -22.43
N LYS B 227 -0.92 -19.41 -21.60
CA LYS B 227 0.30 -18.81 -22.12
C LYS B 227 1.08 -19.70 -23.09
N PRO B 228 1.31 -20.97 -22.73
CA PRO B 228 2.05 -21.81 -23.68
C PRO B 228 1.28 -21.93 -25.00
N ALA B 229 -0.04 -21.96 -24.92
CA ALA B 229 -0.86 -22.06 -26.12
C ALA B 229 -0.72 -20.79 -26.95
N VAL B 230 -0.80 -19.64 -26.30
CA VAL B 230 -0.68 -18.35 -26.97
C VAL B 230 0.70 -18.17 -27.61
N GLU B 231 1.74 -18.54 -26.86
CA GLU B 231 3.12 -18.42 -27.34
C GLU B 231 3.43 -19.30 -28.56
N GLU B 232 2.98 -20.57 -28.52
CA GLU B 232 3.22 -21.48 -29.63
C GLU B 232 2.46 -21.05 -30.89
N ALA B 233 1.18 -20.70 -30.73
CA ALA B 233 0.38 -20.27 -31.87
C ALA B 233 0.92 -18.95 -32.48
N LEU B 234 0.99 -17.90 -31.67
CA LEU B 234 1.45 -16.60 -32.15
C LEU B 234 2.96 -16.44 -32.36
N LEU B 235 3.73 -16.54 -31.28
CA LEU B 235 5.17 -16.35 -31.40
C LEU B 235 5.87 -17.40 -32.26
N GLN B 236 5.56 -18.69 -32.07
CA GLN B 236 6.24 -19.71 -32.84
C GLN B 236 5.68 -19.93 -34.26
N GLN B 237 4.40 -20.30 -34.36
CA GLN B 237 3.82 -20.55 -35.67
C GLN B 237 3.73 -19.34 -36.58
N LEU B 238 3.01 -18.30 -36.15
CA LEU B 238 2.89 -17.10 -36.98
C LEU B 238 4.28 -16.45 -37.16
N GLY B 239 5.12 -16.53 -36.14
CA GLY B 239 6.46 -15.96 -36.25
C GLY B 239 7.30 -16.71 -37.27
N SER B 240 7.08 -18.01 -37.38
CA SER B 240 7.83 -18.81 -38.32
C SER B 240 7.32 -18.45 -39.71
N LEU B 241 6.02 -18.20 -39.79
CA LEU B 241 5.39 -17.83 -41.04
C LEU B 241 5.88 -16.45 -41.48
N ALA B 242 6.05 -15.54 -40.52
CA ALA B 242 6.53 -14.20 -40.82
C ALA B 242 7.88 -14.31 -41.51
N GLN B 243 8.75 -15.13 -40.93
CA GLN B 243 10.09 -15.34 -41.46
C GLN B 243 10.04 -15.82 -42.92
N SER B 244 9.23 -16.84 -43.17
CA SER B 244 9.08 -17.41 -44.50
C SER B 244 8.50 -16.43 -45.52
N GLU B 245 7.76 -15.45 -45.03
CA GLU B 245 7.16 -14.45 -45.91
C GLU B 245 8.06 -13.22 -46.05
N GLY B 246 9.27 -13.30 -45.52
CA GLY B 246 10.20 -12.20 -45.62
C GLY B 246 9.93 -10.99 -44.72
N ASP B 247 9.07 -11.15 -43.72
CA ASP B 247 8.77 -10.07 -42.80
C ASP B 247 9.79 -10.18 -41.66
N THR B 248 11.03 -9.77 -41.94
CA THR B 248 12.10 -9.86 -40.97
C THR B 248 11.75 -9.19 -39.64
N LEU B 249 11.14 -8.02 -39.70
CA LEU B 249 10.75 -7.30 -38.49
C LEU B 249 9.94 -8.17 -37.52
N LEU B 250 8.80 -8.66 -37.97
CA LEU B 250 7.96 -9.49 -37.11
C LEU B 250 8.68 -10.77 -36.69
N GLY B 251 9.43 -11.36 -37.60
CA GLY B 251 10.16 -12.57 -37.28
C GLY B 251 11.05 -12.34 -36.08
N LEU B 252 11.82 -11.25 -36.11
CA LEU B 252 12.72 -10.95 -35.00
C LEU B 252 11.99 -10.42 -33.77
N LEU B 253 10.87 -9.72 -33.97
CA LEU B 253 10.11 -9.20 -32.84
C LEU B 253 9.60 -10.41 -32.05
N ALA B 254 9.13 -11.42 -32.77
CA ALA B 254 8.62 -12.62 -32.12
C ALA B 254 9.74 -13.28 -31.28
N GLN B 255 10.94 -13.37 -31.86
CA GLN B 255 12.06 -13.97 -31.14
C GLN B 255 12.38 -13.18 -29.88
N ALA B 256 12.27 -11.85 -29.97
CA ALA B 256 12.55 -10.99 -28.84
C ALA B 256 11.57 -11.26 -27.70
N GLN B 257 10.29 -11.34 -28.02
CA GLN B 257 9.27 -11.57 -27.00
C GLN B 257 9.33 -12.98 -26.41
N LYS B 258 9.85 -13.94 -27.18
CA LYS B 258 9.98 -15.31 -26.69
C LYS B 258 10.91 -15.38 -25.49
N ARG B 259 11.85 -14.46 -25.41
CA ARG B 259 12.78 -14.43 -24.29
C ARG B 259 12.02 -14.15 -22.98
N ASP B 260 10.99 -13.31 -23.03
CA ASP B 260 10.22 -13.03 -21.83
C ASP B 260 9.38 -14.28 -21.51
N ALA B 261 8.78 -14.86 -22.55
CA ALA B 261 7.98 -16.05 -22.39
C ALA B 261 8.77 -17.17 -21.73
N GLU B 262 10.05 -17.29 -22.11
CA GLU B 262 10.92 -18.32 -21.54
C GLU B 262 11.11 -18.04 -20.03
N ARG B 263 11.32 -16.78 -19.67
CA ARG B 263 11.51 -16.43 -18.27
C ARG B 263 10.28 -16.81 -17.45
N HIS B 264 9.11 -16.55 -18.02
CA HIS B 264 7.86 -16.88 -17.34
C HIS B 264 7.76 -18.39 -17.12
N ARG B 265 8.18 -19.16 -18.11
CA ARG B 265 8.13 -20.60 -17.98
C ARG B 265 9.09 -21.04 -16.88
N ARG B 266 10.24 -20.38 -16.80
CA ARG B 266 11.23 -20.75 -15.78
C ARG B 266 10.71 -20.60 -14.34
N TRP B 267 10.06 -19.48 -14.01
CA TRP B 267 9.59 -19.33 -12.64
C TRP B 267 8.37 -20.20 -12.39
N SER B 268 7.55 -20.35 -13.43
CA SER B 268 6.36 -21.17 -13.34
C SER B 268 6.79 -22.61 -13.07
N SER B 269 7.89 -22.99 -13.71
CA SER B 269 8.43 -24.34 -13.56
C SER B 269 8.91 -24.54 -12.13
N ALA B 270 9.60 -23.54 -11.60
CA ALA B 270 10.12 -23.62 -10.23
C ALA B 270 8.99 -23.68 -9.20
N LEU B 271 7.90 -22.94 -9.45
CA LEU B 271 6.81 -22.96 -8.50
C LEU B 271 6.17 -24.35 -8.48
N VAL B 272 6.02 -24.95 -9.65
CA VAL B 272 5.42 -26.27 -9.76
C VAL B 272 6.31 -27.30 -9.05
N LYS B 273 7.61 -27.15 -9.24
CA LYS B 273 8.56 -28.05 -8.60
C LYS B 273 8.41 -27.97 -7.07
N MET B 274 8.30 -26.75 -6.53
CA MET B 274 8.14 -26.57 -5.09
C MET B 274 6.82 -27.17 -4.63
N ALA B 275 5.77 -26.98 -5.42
CA ALA B 275 4.46 -27.51 -5.07
C ALA B 275 4.46 -29.03 -4.96
N LEU B 276 5.12 -29.69 -5.91
CA LEU B 276 5.17 -31.15 -5.88
C LEU B 276 5.87 -31.72 -4.64
N GLU B 277 6.52 -30.85 -3.84
CA GLU B 277 7.17 -31.33 -2.63
C GLU B 277 6.12 -31.89 -1.67
N LYS B 278 4.92 -31.35 -1.75
CA LYS B 278 3.82 -31.79 -0.91
C LYS B 278 2.93 -32.80 -1.63
N GLU B 279 2.73 -33.94 -1.00
CA GLU B 279 1.91 -35.01 -1.56
C GLU B 279 0.49 -34.50 -1.85
N GLY B 280 -0.03 -34.84 -3.02
CA GLY B 280 -1.38 -34.40 -3.37
C GLY B 280 -1.46 -33.22 -4.33
N ASN B 281 -0.43 -32.38 -4.37
CA ASN B 281 -0.44 -31.21 -5.25
C ASN B 281 -0.37 -31.56 -6.74
N ARG B 282 0.35 -32.63 -7.09
CA ARG B 282 0.47 -33.02 -8.49
C ARG B 282 -0.92 -33.35 -9.05
N GLU B 283 -1.69 -34.09 -8.27
CA GLU B 283 -3.03 -34.47 -8.66
C GLU B 283 -3.86 -33.19 -8.87
N VAL B 284 -3.78 -32.27 -7.93
CA VAL B 284 -4.52 -31.02 -8.00
C VAL B 284 -4.18 -30.27 -9.31
N LEU B 285 -2.89 -30.11 -9.57
CA LEU B 285 -2.46 -29.44 -10.78
C LEU B 285 -2.96 -30.14 -12.04
N GLN B 286 -2.80 -31.45 -12.11
CA GLN B 286 -3.24 -32.22 -13.28
C GLN B 286 -4.73 -32.11 -13.50
N LYS B 287 -5.49 -32.09 -12.41
CA LYS B 287 -6.93 -31.99 -12.54
C LYS B 287 -7.26 -30.64 -13.17
N TRP B 288 -6.57 -29.60 -12.75
CA TRP B 288 -6.79 -28.27 -13.32
C TRP B 288 -6.36 -28.27 -14.78
N VAL B 289 -5.18 -28.81 -15.06
CA VAL B 289 -4.71 -28.88 -16.43
C VAL B 289 -5.71 -29.69 -17.28
N ALA B 290 -6.26 -30.77 -16.71
CA ALA B 290 -7.24 -31.57 -17.44
C ALA B 290 -8.49 -30.74 -17.71
N LYS B 291 -8.76 -29.79 -16.83
CA LYS B 291 -9.93 -28.95 -16.98
C LYS B 291 -9.72 -27.94 -18.11
N TRP B 292 -8.57 -27.26 -18.12
CA TRP B 292 -8.29 -26.25 -19.13
C TRP B 292 -7.63 -26.64 -20.45
N GLU B 293 -6.91 -27.76 -20.47
CA GLU B 293 -6.25 -28.20 -21.69
C GLU B 293 -7.23 -28.25 -22.87
N PRO B 294 -8.46 -28.73 -22.65
CA PRO B 294 -9.43 -28.80 -23.75
C PRO B 294 -9.71 -27.45 -24.43
N LEU B 295 -9.75 -26.37 -23.66
CA LEU B 295 -10.01 -25.06 -24.26
C LEU B 295 -8.78 -24.57 -25.01
N ALA B 296 -7.60 -24.96 -24.54
CA ALA B 296 -6.37 -24.56 -25.21
C ALA B 296 -6.35 -25.24 -26.57
N ASP B 297 -6.63 -26.53 -26.61
CA ASP B 297 -6.66 -27.26 -27.87
C ASP B 297 -7.57 -26.54 -28.85
N LYS B 298 -8.75 -26.14 -28.40
CA LYS B 298 -9.68 -25.47 -29.29
C LYS B 298 -9.13 -24.12 -29.79
N ALA B 299 -8.37 -23.44 -28.94
CA ALA B 299 -7.80 -22.14 -29.31
C ALA B 299 -6.81 -22.32 -30.45
N ILE B 300 -5.88 -23.25 -30.26
CA ILE B 300 -4.85 -23.57 -31.23
C ILE B 300 -5.48 -24.02 -32.54
N GLU B 301 -6.48 -24.88 -32.42
CA GLU B 301 -7.17 -25.40 -33.60
C GLU B 301 -7.82 -24.28 -34.41
N ALA B 302 -8.59 -23.42 -33.74
CA ALA B 302 -9.27 -22.35 -34.45
C ALA B 302 -8.31 -21.33 -35.09
N TYR B 303 -7.22 -21.01 -34.39
CA TYR B 303 -6.25 -20.05 -34.89
C TYR B 303 -5.38 -20.62 -36.01
N CYS B 304 -4.62 -21.67 -35.69
CA CYS B 304 -3.73 -22.29 -36.66
C CYS B 304 -4.38 -22.93 -37.89
N SER B 305 -5.57 -23.49 -37.74
CA SER B 305 -6.23 -24.12 -38.88
C SER B 305 -6.39 -23.12 -40.01
N ALA B 306 -6.57 -21.85 -39.65
CA ALA B 306 -6.77 -20.79 -40.63
C ALA B 306 -5.48 -20.30 -41.30
N LEU B 307 -4.33 -20.68 -40.76
CA LEU B 307 -3.05 -20.29 -41.33
C LEU B 307 -2.66 -21.29 -42.41
N PRO B 308 -1.68 -20.93 -43.27
CA PRO B 308 -1.26 -21.87 -44.31
C PRO B 308 -0.54 -23.03 -43.61
N ASP B 309 -0.64 -24.24 -44.14
CA ASP B 309 -0.03 -25.40 -43.50
C ASP B 309 -0.69 -25.62 -42.14
N GLY B 310 -1.94 -25.16 -42.02
CA GLY B 310 -2.70 -25.26 -40.78
C GLY B 310 -2.66 -26.53 -39.95
N GLU B 311 -3.07 -27.65 -40.53
CA GLU B 311 -3.09 -28.91 -39.79
C GLU B 311 -1.73 -29.23 -39.15
N ASN B 312 -0.66 -28.90 -39.86
CA ASN B 312 0.68 -29.18 -39.35
C ASN B 312 1.04 -28.23 -38.22
N ALA B 313 0.61 -26.97 -38.34
CA ALA B 313 0.87 -25.96 -37.32
C ALA B 313 0.13 -26.35 -36.04
N ILE B 314 -1.09 -26.87 -36.20
CA ILE B 314 -1.89 -27.30 -35.07
C ILE B 314 -1.16 -28.40 -34.29
N VAL B 315 -0.66 -29.40 -35.00
CA VAL B 315 0.03 -30.51 -34.38
C VAL B 315 1.29 -30.06 -33.65
N GLU B 316 2.07 -29.17 -34.27
CA GLU B 316 3.29 -28.68 -33.64
C GLU B 316 3.00 -27.88 -32.36
N ALA B 317 2.01 -27.00 -32.44
CA ALA B 317 1.63 -26.18 -31.28
C ALA B 317 1.12 -27.03 -30.13
N LYS B 318 0.21 -27.95 -30.41
CA LYS B 318 -0.31 -28.81 -29.34
C LYS B 318 0.84 -29.55 -28.69
N SER B 319 1.70 -30.11 -29.53
CA SER B 319 2.87 -30.86 -29.08
C SER B 319 3.83 -30.03 -28.25
N ALA B 320 4.19 -28.84 -28.74
CA ALA B 320 5.13 -27.98 -28.02
C ALA B 320 4.58 -27.43 -26.71
N SER B 321 3.30 -27.04 -26.70
CA SER B 321 2.73 -26.51 -25.45
C SER B 321 2.63 -27.60 -24.38
N ARG B 322 2.27 -28.81 -24.80
CA ARG B 322 2.16 -29.93 -23.86
C ARG B 322 3.52 -30.28 -23.29
N TYR B 323 4.55 -30.17 -24.11
CA TYR B 323 5.91 -30.49 -23.67
C TYR B 323 6.35 -29.58 -22.53
N VAL B 324 5.87 -28.34 -22.51
CA VAL B 324 6.23 -27.40 -21.46
C VAL B 324 5.80 -27.96 -20.10
N ARG B 325 4.61 -28.53 -20.06
CA ARG B 325 4.07 -29.08 -18.83
C ARG B 325 4.70 -30.43 -18.46
N GLN B 326 5.08 -31.22 -19.47
CA GLN B 326 5.69 -32.53 -19.22
C GLN B 326 7.04 -32.37 -18.53
N MET B 327 7.81 -31.38 -18.96
CA MET B 327 9.13 -31.13 -18.37
C MET B 327 9.04 -30.57 -16.96
N MET B 328 7.82 -30.22 -16.52
CA MET B 328 7.59 -29.71 -15.17
C MET B 328 7.05 -30.88 -14.34
N GLY B 329 7.00 -32.06 -14.95
CA GLY B 329 6.49 -33.23 -14.26
C GLY B 329 4.98 -33.21 -14.32
N LEU B 330 4.46 -32.25 -15.08
CA LEU B 330 3.02 -32.03 -15.29
C LEU B 330 2.38 -31.08 -14.27
N THR C 3 -13.75 -4.78 40.19
CA THR C 3 -13.05 -4.80 38.87
C THR C 3 -14.01 -4.45 37.74
N PHE C 4 -13.93 -3.20 37.31
CA PHE C 4 -14.78 -2.67 36.25
C PHE C 4 -13.96 -1.64 35.49
N PRO C 5 -14.00 -1.69 34.15
CA PRO C 5 -13.25 -0.74 33.34
C PRO C 5 -13.98 0.56 33.03
N ILE C 6 -13.22 1.66 32.96
CA ILE C 6 -13.74 2.98 32.64
C ILE C 6 -12.58 3.82 32.08
N MET C 7 -12.89 4.87 31.33
CA MET C 7 -11.85 5.73 30.76
C MET C 7 -11.74 7.04 31.56
N SER C 8 -10.53 7.44 31.87
CA SER C 8 -10.28 8.65 32.65
C SER C 8 -9.85 9.86 31.85
N ASN C 9 -10.67 10.90 31.90
CA ASN C 9 -10.39 12.15 31.21
C ASN C 9 -10.09 13.22 32.26
N PHE C 10 -8.91 13.11 32.89
CA PHE C 10 -8.50 14.04 33.93
C PHE C 10 -8.35 15.49 33.47
N GLU C 11 -8.89 16.40 34.27
CA GLU C 11 -8.83 17.82 33.94
C GLU C 11 -7.38 18.27 33.79
N ARG C 12 -7.14 19.15 32.83
CA ARG C 12 -5.82 19.68 32.56
C ARG C 12 -4.82 18.66 32.03
N ASP C 13 -5.30 17.43 31.81
CA ASP C 13 -4.43 16.39 31.26
C ASP C 13 -4.49 16.59 29.74
N PHE C 14 -3.97 15.63 28.97
CA PHE C 14 -3.99 15.78 27.52
C PHE C 14 -4.52 14.55 26.78
N VAL C 15 -4.92 13.53 27.53
CA VAL C 15 -5.42 12.31 26.91
C VAL C 15 -6.17 11.42 27.89
N ILE C 16 -7.21 10.77 27.40
CA ILE C 16 -8.03 9.88 28.22
C ILE C 16 -7.27 8.57 28.41
N GLN C 17 -7.45 7.94 29.56
CA GLN C 17 -6.74 6.68 29.84
C GLN C 17 -7.66 5.60 30.38
N LEU C 18 -7.24 4.35 30.19
CA LEU C 18 -8.00 3.20 30.68
C LEU C 18 -7.70 3.11 32.17
N VAL C 19 -8.73 3.09 33.00
CA VAL C 19 -8.52 3.01 34.44
C VAL C 19 -9.36 1.93 35.10
N PRO C 20 -8.71 1.01 35.83
CA PRO C 20 -9.40 -0.08 36.51
C PRO C 20 -9.92 0.39 37.88
N VAL C 21 -11.20 0.19 38.13
CA VAL C 21 -11.82 0.57 39.39
C VAL C 21 -12.66 -0.60 39.85
N ASP C 22 -12.98 -0.65 41.15
CA ASP C 22 -13.81 -1.74 41.66
C ASP C 22 -15.25 -1.28 41.65
N THR C 23 -16.17 -2.23 41.52
CA THR C 23 -17.59 -1.92 41.47
C THR C 23 -18.15 -1.43 42.81
N GLU C 24 -17.26 -1.07 43.73
CA GLU C 24 -17.70 -0.60 45.04
C GLU C 24 -17.08 0.72 45.43
N ASP C 25 -16.04 1.14 44.71
CA ASP C 25 -15.39 2.40 45.01
C ASP C 25 -16.35 3.58 44.95
N THR C 26 -16.12 4.57 45.80
CA THR C 26 -16.93 5.75 45.80
C THR C 26 -16.23 6.64 44.78
N MET C 27 -16.97 7.55 44.15
CA MET C 27 -16.36 8.43 43.16
C MET C 27 -15.03 8.97 43.67
N ASP C 28 -14.97 9.26 44.97
CA ASP C 28 -13.76 9.78 45.59
C ASP C 28 -12.60 8.81 45.42
N GLN C 29 -12.90 7.51 45.48
CA GLN C 29 -11.89 6.49 45.33
C GLN C 29 -11.53 6.33 43.86
N VAL C 30 -12.53 6.44 42.99
CA VAL C 30 -12.32 6.34 41.55
C VAL C 30 -11.35 7.43 41.16
N ALA C 31 -11.73 8.67 41.49
CA ALA C 31 -10.90 9.83 41.18
C ALA C 31 -9.49 9.62 41.74
N GLU C 32 -9.41 8.96 42.88
CA GLU C 32 -8.11 8.70 43.52
C GLU C 32 -7.28 7.79 42.62
N LYS C 33 -7.92 6.74 42.11
CA LYS C 33 -7.25 5.79 41.23
C LYS C 33 -6.84 6.49 39.92
N CYS C 34 -7.75 7.28 39.38
CA CYS C 34 -7.47 8.00 38.14
C CYS C 34 -6.34 9.00 38.34
N ALA C 35 -6.37 9.71 39.47
CA ALA C 35 -5.35 10.70 39.78
C ALA C 35 -3.97 10.05 39.78
N TYR C 36 -3.93 8.76 40.07
CA TYR C 36 -2.66 8.03 40.08
C TYR C 36 -2.06 7.99 38.67
N HIS C 37 -2.94 7.92 37.68
CA HIS C 37 -2.51 7.87 36.29
C HIS C 37 -2.51 9.27 35.65
N SER C 38 -2.57 10.31 36.47
CA SER C 38 -2.58 11.69 35.96
C SER C 38 -1.80 12.68 36.82
N ILE C 39 -2.12 12.74 38.11
CA ILE C 39 -1.47 13.65 39.04
C ILE C 39 0.01 13.32 39.24
N ASN C 40 0.84 14.37 39.26
CA ASN C 40 2.28 14.22 39.46
C ASN C 40 2.95 13.56 38.27
N ARG C 41 2.19 13.36 37.20
CA ARG C 41 2.71 12.78 35.98
C ARG C 41 2.76 13.88 34.95
N ARG C 42 1.62 14.52 34.72
CA ARG C 42 1.53 15.61 33.78
C ARG C 42 0.47 16.59 34.24
N VAL C 43 0.21 16.60 35.55
CA VAL C 43 -0.78 17.49 36.13
C VAL C 43 -0.37 17.92 37.54
N HIS C 44 -0.39 19.23 37.78
CA HIS C 44 -0.04 19.77 39.09
C HIS C 44 -1.21 19.51 40.04
N PRO C 45 -0.92 18.93 41.22
CA PRO C 45 -1.95 18.62 42.22
C PRO C 45 -2.62 19.88 42.72
N GLN C 46 -3.73 19.71 43.44
CA GLN C 46 -4.47 20.83 44.00
C GLN C 46 -5.22 20.41 45.27
N PRO C 47 -4.47 20.15 46.37
CA PRO C 47 -5.06 19.74 47.65
C PRO C 47 -6.11 20.72 48.11
N GLU C 48 -5.88 22.00 47.83
CA GLU C 48 -6.79 23.05 48.21
C GLU C 48 -8.19 22.70 47.70
N LYS C 49 -8.27 22.13 46.50
CA LYS C 49 -9.55 21.75 45.92
C LYS C 49 -9.81 20.24 46.02
N ILE C 50 -11.06 19.84 45.77
CA ILE C 50 -11.44 18.44 45.82
C ILE C 50 -11.81 17.92 44.44
N LEU C 51 -11.47 16.66 44.17
CA LEU C 51 -11.75 16.03 42.89
C LEU C 51 -13.12 15.36 42.84
N ARG C 52 -13.82 15.56 41.72
CA ARG C 52 -15.14 14.97 41.51
C ARG C 52 -15.16 14.18 40.21
N VAL C 53 -16.11 13.27 40.08
CA VAL C 53 -16.20 12.45 38.88
C VAL C 53 -17.60 12.46 38.26
N ARG C 54 -17.67 12.95 37.02
CA ARG C 54 -18.94 13.03 36.29
C ARG C 54 -18.88 12.26 34.97
N ARG C 55 -20.03 11.77 34.52
CA ARG C 55 -20.12 11.04 33.26
C ARG C 55 -19.82 12.01 32.13
N HIS C 56 -19.01 11.57 31.16
CA HIS C 56 -18.64 12.43 30.04
C HIS C 56 -19.71 12.60 28.97
N GLU C 57 -20.48 11.55 28.71
CA GLU C 57 -21.51 11.64 27.68
C GLU C 57 -22.52 12.76 27.88
N ASP C 58 -23.06 12.88 29.09
CA ASP C 58 -24.04 13.92 29.36
C ASP C 58 -23.56 15.01 30.31
N GLY C 59 -22.42 14.77 30.97
CA GLY C 59 -21.86 15.75 31.89
C GLY C 59 -22.49 15.68 33.28
N THR C 60 -23.06 14.53 33.61
CA THR C 60 -23.69 14.34 34.92
C THR C 60 -22.67 14.21 36.05
N LEU C 61 -22.71 15.17 36.97
CA LEU C 61 -21.80 15.16 38.12
C LEU C 61 -22.30 14.12 39.12
N PHE C 62 -21.40 13.28 39.59
CA PHE C 62 -21.75 12.24 40.54
C PHE C 62 -21.32 12.60 41.96
N PRO C 63 -22.16 12.25 42.95
CA PRO C 63 -21.86 12.55 44.37
C PRO C 63 -20.48 12.02 44.75
N ARG C 64 -19.94 12.48 45.87
CA ARG C 64 -18.63 12.03 46.33
C ARG C 64 -18.72 10.65 46.94
N GLY C 65 -19.86 10.34 47.56
CA GLY C 65 -20.03 9.06 48.21
C GLY C 65 -20.78 8.02 47.39
N MET C 66 -21.11 8.35 46.14
CA MET C 66 -21.83 7.42 45.28
C MET C 66 -20.88 6.33 44.79
N ILE C 67 -21.32 5.07 44.88
CA ILE C 67 -20.48 3.94 44.46
C ILE C 67 -20.73 3.46 43.02
N VAL C 68 -19.64 3.09 42.37
CA VAL C 68 -19.64 2.59 40.99
C VAL C 68 -20.84 1.69 40.68
N SER C 69 -21.24 0.88 41.65
CA SER C 69 -22.36 -0.04 41.47
C SER C 69 -23.71 0.64 41.26
N ASP C 70 -23.83 1.89 41.68
CA ASP C 70 -25.10 2.60 41.54
C ASP C 70 -25.18 3.54 40.36
N ALA C 71 -24.04 4.08 39.95
CA ALA C 71 -23.98 5.01 38.83
C ALA C 71 -24.36 4.30 37.53
N GLY C 72 -24.67 3.01 37.61
CA GLY C 72 -25.03 2.25 36.44
C GLY C 72 -23.76 2.03 35.64
N LEU C 73 -23.47 2.97 34.75
CA LEU C 73 -22.28 2.93 33.91
C LEU C 73 -22.21 1.73 32.98
N ARG C 74 -21.80 1.99 31.74
CA ARG C 74 -21.63 0.94 30.74
C ARG C 74 -20.16 0.61 30.79
N PRO C 75 -19.80 -0.68 30.70
CA PRO C 75 -18.36 -0.98 30.74
C PRO C 75 -17.64 -0.15 29.69
N THR C 76 -16.52 0.44 30.08
CA THR C 76 -15.72 1.27 29.19
C THR C 76 -16.16 2.73 29.26
N GLU C 77 -17.27 2.96 29.95
CA GLU C 77 -17.84 4.31 30.12
C GLU C 77 -16.75 5.33 30.40
N THR C 78 -16.80 6.46 29.69
CA THR C 78 -15.81 7.51 29.90
C THR C 78 -16.27 8.41 31.05
N LEU C 79 -15.32 8.85 31.88
CA LEU C 79 -15.65 9.69 33.01
C LEU C 79 -14.69 10.86 33.18
N ASP C 80 -15.23 12.01 33.58
CA ASP C 80 -14.42 13.19 33.79
C ASP C 80 -14.08 13.36 35.28
N ILE C 81 -12.83 13.71 35.55
CA ILE C 81 -12.39 13.94 36.92
C ILE C 81 -11.95 15.39 36.94
N ILE C 82 -12.68 16.21 37.68
CA ILE C 82 -12.41 17.65 37.75
C ILE C 82 -12.15 18.22 39.13
N PHE C 83 -11.50 19.39 39.14
CA PHE C 83 -11.20 20.11 40.38
C PHE C 83 -12.42 20.96 40.75
N MET C 84 -12.87 20.84 41.99
CA MET C 84 -14.01 21.60 42.47
C MET C 84 -13.89 21.98 43.95
N ASP C 85 -15.04 22.09 44.61
CA ASP C 85 -15.10 22.44 46.03
C ASP C 85 -15.96 21.46 46.80
#